data_1K6M
#
_entry.id   1K6M
#
_cell.length_a   74.980
_cell.length_b   185.330
_cell.length_c   89.670
_cell.angle_alpha   90.00
_cell.angle_beta   90.70
_cell.angle_gamma   90.00
#
_symmetry.space_group_name_H-M   'C 1 2 1'
#
loop_
_entity.id
_entity.type
_entity.pdbx_description
1 polymer '6-phosphofructo-2-kinase/fructose-2,6-biphosphatase 2-phosphatase'
2 non-polymer 'PHOSPHATE ION'
3 non-polymer 'PHOSPHOTHIOPHOSPHORIC ACID-ADENYLATE ESTER'
4 water water
#
_entity_poly.entity_id   1
_entity_poly.type   'polypeptide(L)'
_entity_poly.pdbx_seq_one_letter_code
;NSPTMVIMVGLPARGKTYISTKLTRYLNFIGTPTKVFNLGQYRREAVSYKNYEFFLPDNMEALQIRKQCALAALKDVHNY
LSHEEGHVAVFDATNTTRERRSLILQFAKEHGYKVFFIESICNDPGIIAENIRQVKLGSPDYIDCDREKVLEDFLKRIEC
YEVNYQPLDEELDSHLSYIKIFDVGTRYMVNRVQDHIQSRTVYYLMNIHVTPRSIYLCRHGESELNIRGRIGGDSGLSVR
GKQYAYALANFIQSQGISSLKVFTSRMKRTIQTAEALGVPYEQFKALNEIDAGVCEEMTYEEIQEHYPEEFALRDQDKYR
YRYPKGESYEDLVQRLEPVIMELERQENVLVICHQAVMRCLLAYFLDKSSEELPYLKCPLHTVLKLTPVAYGCKVESIYL
NVEAVNTHREKPENVDITREPEEALDTVPAHY
;
_entity_poly.pdbx_strand_id   A,B
#
loop_
_chem_comp.id
_chem_comp.type
_chem_comp.name
_chem_comp.formula
AGS non-polymer 'PHOSPHOTHIOPHOSPHORIC ACID-ADENYLATE ESTER' 'C10 H16 N5 O12 P3 S'
PO4 non-polymer 'PHOSPHATE ION' 'O4 P -3'
#
# COMPACT_ATOMS: atom_id res chain seq x y z
N ASN A 1 9.60 4.43 -22.49
CA ASN A 1 9.34 3.04 -22.98
C ASN A 1 7.97 2.63 -22.47
N SER A 2 7.90 2.14 -21.23
CA SER A 2 6.60 1.81 -20.68
C SER A 2 6.12 3.06 -19.93
N PRO A 3 4.79 3.32 -20.00
CA PRO A 3 4.16 4.48 -19.35
C PRO A 3 4.45 4.61 -17.88
N THR A 4 4.03 5.72 -17.31
CA THR A 4 4.29 5.96 -15.91
C THR A 4 3.07 6.52 -15.20
N MET A 5 2.96 6.16 -13.94
CA MET A 5 1.89 6.66 -13.09
C MET A 5 2.61 7.49 -12.03
N VAL A 6 2.20 8.73 -11.85
CA VAL A 6 2.78 9.57 -10.83
C VAL A 6 1.69 9.65 -9.77
N ILE A 7 2.04 9.21 -8.57
CA ILE A 7 1.05 9.16 -7.51
C ILE A 7 1.21 10.22 -6.47
N MET A 8 0.18 11.05 -6.40
CA MET A 8 0.13 12.14 -5.42
C MET A 8 -0.18 11.52 -4.06
N VAL A 9 0.49 12.00 -3.01
CA VAL A 9 0.27 11.45 -1.67
C VAL A 9 0.25 12.56 -0.65
N GLY A 10 -0.78 12.61 0.17
CA GLY A 10 -0.80 13.67 1.16
C GLY A 10 -2.15 14.08 1.68
N LEU A 11 -2.13 14.70 2.85
CA LEU A 11 -3.36 15.15 3.46
C LEU A 11 -3.99 16.23 2.59
N PRO A 12 -5.29 16.50 2.79
CA PRO A 12 -5.99 17.53 2.02
C PRO A 12 -5.42 18.91 2.34
N ALA A 13 -5.36 19.76 1.31
CA ALA A 13 -4.82 21.12 1.41
C ALA A 13 -3.29 21.11 1.56
N ARG A 14 -2.64 20.23 0.81
CA ARG A 14 -1.18 20.14 0.81
C ARG A 14 -0.65 20.55 -0.57
N GLY A 15 -1.58 20.92 -1.46
CA GLY A 15 -1.18 21.36 -2.78
C GLY A 15 -0.96 20.24 -3.76
N LYS A 16 -1.67 19.15 -3.57
CA LYS A 16 -1.49 18.04 -4.47
C LYS A 16 -2.04 18.38 -5.85
N THR A 17 -3.26 18.91 -5.91
CA THR A 17 -3.84 19.22 -7.19
C THR A 17 -3.08 20.35 -7.88
N TYR A 18 -2.52 21.26 -7.10
CA TYR A 18 -1.71 22.35 -7.66
C TYR A 18 -0.47 21.77 -8.33
N ILE A 19 0.20 20.85 -7.63
CA ILE A 19 1.37 20.19 -8.17
C ILE A 19 0.99 19.28 -9.35
N SER A 20 -0.16 18.61 -9.27
CA SER A 20 -0.63 17.76 -10.35
C SER A 20 -0.75 18.56 -11.64
N THR A 21 -1.43 19.70 -11.52
CA THR A 21 -1.67 20.61 -12.63
C THR A 21 -0.38 21.10 -13.29
N LYS A 22 0.46 21.73 -12.47
CA LYS A 22 1.72 22.28 -12.96
C LYS A 22 2.59 21.27 -13.64
N LEU A 23 2.75 20.12 -13.01
CA LEU A 23 3.61 19.09 -13.57
C LEU A 23 3.05 18.59 -14.87
N THR A 24 1.74 18.34 -14.89
CA THR A 24 1.11 17.83 -16.09
C THR A 24 1.40 18.80 -17.20
N ARG A 25 1.17 20.09 -16.98
CA ARG A 25 1.46 21.01 -18.07
C ARG A 25 2.90 21.01 -18.47
N TYR A 26 3.78 21.15 -17.50
CA TYR A 26 5.18 21.14 -17.79
C TYR A 26 5.52 19.99 -18.74
N LEU A 27 5.24 18.77 -18.29
CA LEU A 27 5.54 17.56 -19.06
C LEU A 27 4.97 17.58 -20.46
N ASN A 28 3.72 17.98 -20.55
CA ASN A 28 3.09 18.04 -21.84
C ASN A 28 3.89 19.01 -22.70
N PHE A 29 4.20 20.15 -22.12
CA PHE A 29 4.96 21.16 -22.83
C PHE A 29 6.27 20.60 -23.38
N ILE A 30 6.96 19.76 -22.62
CA ILE A 30 8.23 19.23 -23.14
C ILE A 30 8.10 17.96 -23.96
N GLY A 31 6.90 17.69 -24.43
CA GLY A 31 6.71 16.52 -25.25
C GLY A 31 6.32 15.22 -24.59
N THR A 32 5.87 15.25 -23.34
CA THR A 32 5.41 14.03 -22.68
C THR A 32 3.92 14.09 -22.36
N PRO A 33 3.09 13.43 -23.18
CA PRO A 33 1.63 13.38 -23.04
C PRO A 33 1.22 12.92 -21.64
N THR A 34 0.79 13.87 -20.84
CA THR A 34 0.41 13.61 -19.48
C THR A 34 -1.02 14.07 -19.23
N LYS A 35 -1.73 13.33 -18.38
CA LYS A 35 -3.11 13.69 -18.05
C LYS A 35 -3.33 13.47 -16.55
N VAL A 36 -4.16 14.31 -15.95
CA VAL A 36 -4.42 14.19 -14.55
C VAL A 36 -5.75 13.49 -14.31
N PHE A 37 -5.77 12.68 -13.25
CA PHE A 37 -6.96 11.94 -12.82
C PHE A 37 -7.17 12.34 -11.39
N ASN A 38 -8.11 13.25 -11.22
CA ASN A 38 -8.43 13.81 -9.92
C ASN A 38 -9.59 13.04 -9.36
N LEU A 39 -9.38 12.42 -8.21
CA LEU A 39 -10.45 11.65 -7.59
C LEU A 39 -11.58 12.53 -7.08
N GLY A 40 -11.22 13.67 -6.47
CA GLY A 40 -12.25 14.58 -5.99
C GLY A 40 -13.27 14.79 -7.11
N GLN A 41 -12.78 14.85 -8.34
CA GLN A 41 -13.66 15.04 -9.50
C GLN A 41 -14.64 13.89 -9.52
N TYR A 42 -14.12 12.67 -9.66
CA TYR A 42 -14.98 11.50 -9.71
C TYR A 42 -16.01 11.53 -8.61
N ARG A 43 -15.55 11.77 -7.39
CA ARG A 43 -16.47 11.79 -6.28
C ARG A 43 -17.69 12.63 -6.54
N ARG A 44 -17.49 13.86 -7.01
CA ARG A 44 -18.63 14.74 -7.22
C ARG A 44 -19.57 14.25 -8.30
N GLU A 45 -19.05 13.38 -9.16
CA GLU A 45 -19.87 12.79 -10.21
C GLU A 45 -20.62 11.62 -9.58
N ALA A 46 -20.44 11.45 -8.27
CA ALA A 46 -21.09 10.38 -7.55
C ALA A 46 -22.08 10.95 -6.56
N VAL A 47 -21.77 10.82 -5.25
CA VAL A 47 -22.64 11.32 -4.19
C VAL A 47 -22.75 12.84 -4.32
N SER A 48 -22.57 13.59 -3.24
CA SER A 48 -22.69 15.03 -3.39
C SER A 48 -22.00 16.05 -2.46
N TYR A 49 -22.81 16.90 -1.84
CA TYR A 49 -22.32 18.04 -1.07
C TYR A 49 -21.97 18.15 0.41
N LYS A 50 -22.98 18.08 1.25
CA LYS A 50 -22.90 18.31 2.71
C LYS A 50 -21.74 18.13 3.71
N ASN A 51 -21.53 16.92 4.21
CA ASN A 51 -20.57 16.75 5.30
C ASN A 51 -19.19 16.13 5.13
N TYR A 52 -18.39 16.31 6.18
CA TYR A 52 -17.05 15.77 6.31
C TYR A 52 -17.28 14.33 6.79
N GLU A 53 -18.53 14.06 7.13
CA GLU A 53 -18.94 12.75 7.61
C GLU A 53 -18.77 11.75 6.48
N PHE A 54 -18.86 12.24 5.25
CA PHE A 54 -18.69 11.37 4.10
C PHE A 54 -17.27 10.84 4.22
N PHE A 55 -16.42 11.59 4.93
CA PHE A 55 -15.03 11.18 5.08
C PHE A 55 -14.73 10.49 6.40
N LEU A 56 -15.77 10.31 7.21
CA LEU A 56 -15.64 9.63 8.50
C LEU A 56 -15.25 8.16 8.29
N PRO A 57 -14.26 7.67 9.06
CA PRO A 57 -13.78 6.28 8.98
C PRO A 57 -14.89 5.21 9.15
N ASP A 58 -15.87 5.51 10.00
CA ASP A 58 -16.96 4.59 10.25
C ASP A 58 -17.89 4.50 9.04
N ASN A 59 -17.84 5.52 8.18
CA ASN A 59 -18.70 5.60 7.00
C ASN A 59 -18.35 4.62 5.90
N MET A 60 -18.67 3.35 6.13
CA MET A 60 -18.41 2.29 5.17
C MET A 60 -19.14 2.54 3.87
N GLU A 61 -20.34 3.12 3.97
CA GLU A 61 -21.11 3.40 2.77
C GLU A 61 -20.31 4.34 1.89
N ALA A 62 -19.75 5.39 2.51
CA ALA A 62 -18.94 6.39 1.80
C ALA A 62 -17.69 5.78 1.18
N LEU A 63 -17.03 4.91 1.95
CA LEU A 63 -15.83 4.22 1.52
C LEU A 63 -16.01 3.42 0.24
N GLN A 64 -17.20 2.88 0.00
CA GLN A 64 -17.42 2.10 -1.21
C GLN A 64 -17.37 3.03 -2.40
N ILE A 65 -18.11 4.14 -2.29
CA ILE A 65 -18.16 5.16 -3.32
C ILE A 65 -16.71 5.46 -3.69
N ARG A 66 -15.97 6.00 -2.71
CA ARG A 66 -14.57 6.34 -2.87
C ARG A 66 -13.75 5.20 -3.47
N LYS A 67 -14.12 3.97 -3.12
CA LYS A 67 -13.42 2.79 -3.62
C LYS A 67 -13.75 2.53 -5.09
N GLN A 68 -15.00 2.80 -5.48
CA GLN A 68 -15.48 2.60 -6.84
C GLN A 68 -14.95 3.73 -7.71
N CYS A 69 -14.80 4.91 -7.10
CA CYS A 69 -14.26 6.08 -7.78
C CYS A 69 -12.80 5.83 -8.10
N ALA A 70 -12.06 5.29 -7.14
CA ALA A 70 -10.66 4.98 -7.36
C ALA A 70 -10.48 3.98 -8.52
N LEU A 71 -11.38 2.99 -8.62
CA LEU A 71 -11.28 1.98 -9.67
C LEU A 71 -11.77 2.53 -11.01
N ALA A 72 -12.75 3.41 -10.97
CA ALA A 72 -13.23 4.03 -12.19
C ALA A 72 -12.00 4.73 -12.76
N ALA A 73 -11.44 5.62 -11.94
CA ALA A 73 -10.24 6.38 -12.29
C ALA A 73 -9.13 5.49 -12.83
N LEU A 74 -8.93 4.33 -12.23
CA LEU A 74 -7.89 3.43 -12.71
C LEU A 74 -8.23 2.88 -14.07
N LYS A 75 -9.53 2.65 -14.29
CA LYS A 75 -9.98 2.14 -15.58
C LYS A 75 -9.47 3.13 -16.63
N ASP A 76 -9.82 4.39 -16.41
CA ASP A 76 -9.42 5.48 -17.28
C ASP A 76 -7.93 5.56 -17.44
N VAL A 77 -7.21 5.41 -16.32
CA VAL A 77 -5.75 5.49 -16.37
C VAL A 77 -5.22 4.44 -17.33
N HIS A 78 -5.79 3.24 -17.25
CA HIS A 78 -5.35 2.17 -18.11
C HIS A 78 -5.61 2.45 -19.57
N ASN A 79 -6.84 2.80 -19.91
CA ASN A 79 -7.11 3.01 -21.32
C ASN A 79 -6.42 4.26 -21.87
N TYR A 80 -6.04 5.17 -20.96
CA TYR A 80 -5.33 6.38 -21.36
C TYR A 80 -3.90 6.02 -21.75
N LEU A 81 -3.25 5.19 -20.93
CA LEU A 81 -1.85 4.83 -21.18
C LEU A 81 -1.71 3.60 -22.06
N SER A 82 -2.76 2.77 -22.09
CA SER A 82 -2.71 1.54 -22.86
C SER A 82 -3.42 1.58 -24.21
N HIS A 83 -4.44 2.40 -24.34
CA HIS A 83 -5.13 2.45 -25.61
C HIS A 83 -5.03 3.82 -26.28
N GLU A 84 -5.04 4.88 -25.46
CA GLU A 84 -4.98 6.24 -25.99
C GLU A 84 -3.56 6.79 -26.22
N GLU A 85 -2.55 5.99 -25.89
CA GLU A 85 -1.16 6.43 -26.07
C GLU A 85 -0.62 7.54 -25.14
N GLY A 86 -1.14 7.63 -23.93
CA GLY A 86 -0.63 8.62 -23.01
C GLY A 86 0.74 8.13 -22.57
N HIS A 87 1.50 9.01 -21.96
CA HIS A 87 2.82 8.63 -21.48
C HIS A 87 2.89 8.61 -19.95
N VAL A 88 2.17 9.54 -19.32
CA VAL A 88 2.18 9.67 -17.85
C VAL A 88 0.77 9.96 -17.38
N ALA A 89 0.32 9.21 -16.40
CA ALA A 89 -1.01 9.45 -15.85
C ALA A 89 -0.71 9.83 -14.43
N VAL A 90 -1.21 10.98 -14.03
CA VAL A 90 -0.97 11.43 -12.68
C VAL A 90 -2.21 11.11 -11.86
N PHE A 91 -2.01 10.30 -10.82
CA PHE A 91 -3.09 9.89 -9.94
C PHE A 91 -3.20 10.89 -8.78
N ASP A 92 -4.14 11.82 -8.89
CA ASP A 92 -4.34 12.86 -7.87
C ASP A 92 -5.41 12.51 -6.82
N ALA A 93 -4.95 12.12 -5.63
CA ALA A 93 -5.82 11.76 -4.52
C ALA A 93 -4.93 11.73 -3.28
N THR A 94 -5.51 11.61 -2.09
CA THR A 94 -4.68 11.57 -0.88
C THR A 94 -3.72 10.38 -0.84
N ASN A 95 -4.23 9.20 -1.22
CA ASN A 95 -3.46 7.96 -1.24
C ASN A 95 -2.61 7.85 0.02
N THR A 96 -3.24 8.14 1.15
CA THR A 96 -2.56 8.17 2.44
C THR A 96 -2.29 6.83 3.18
N THR A 97 -2.86 5.74 2.66
CA THR A 97 -2.69 4.43 3.26
C THR A 97 -1.82 3.51 2.42
N ARG A 98 -0.97 2.71 3.09
CA ARG A 98 -0.08 1.75 2.42
C ARG A 98 -0.95 0.87 1.56
N GLU A 99 -2.13 0.59 2.09
CA GLU A 99 -3.12 -0.25 1.44
C GLU A 99 -3.44 0.27 0.07
N ARG A 100 -3.96 1.50 0.04
CA ARG A 100 -4.32 2.15 -1.20
C ARG A 100 -3.18 2.12 -2.23
N ARG A 101 -1.98 2.50 -1.82
CA ARG A 101 -0.84 2.49 -2.72
C ARG A 101 -0.56 1.11 -3.30
N SER A 102 -0.75 0.08 -2.49
CA SER A 102 -0.54 -1.29 -2.93
C SER A 102 -1.49 -1.60 -4.05
N LEU A 103 -2.75 -1.16 -3.88
CA LEU A 103 -3.80 -1.36 -4.88
C LEU A 103 -3.24 -0.86 -6.19
N ILE A 104 -2.66 0.34 -6.10
CA ILE A 104 -2.07 1.05 -7.21
C ILE A 104 -0.85 0.34 -7.77
N LEU A 105 0.12 0.04 -6.91
CA LEU A 105 1.32 -0.66 -7.34
C LEU A 105 0.94 -1.94 -8.04
N GLN A 106 -0.18 -2.50 -7.58
CA GLN A 106 -0.71 -3.74 -8.10
C GLN A 106 -1.15 -3.55 -9.55
N PHE A 107 -2.11 -2.65 -9.70
CA PHE A 107 -2.66 -2.30 -10.99
C PHE A 107 -1.50 -2.00 -11.88
N ALA A 108 -0.57 -1.19 -11.37
CA ALA A 108 0.60 -0.85 -12.15
C ALA A 108 1.31 -2.11 -12.60
N LYS A 109 1.65 -2.96 -11.63
CA LYS A 109 2.35 -4.20 -11.95
C LYS A 109 1.63 -4.98 -13.03
N GLU A 110 0.32 -5.12 -12.87
CA GLU A 110 -0.49 -5.84 -13.85
C GLU A 110 -0.32 -5.29 -15.26
N HIS A 111 -0.46 -3.98 -15.40
CA HIS A 111 -0.36 -3.36 -16.71
C HIS A 111 1.04 -2.93 -17.16
N GLY A 112 2.04 -3.17 -16.33
CA GLY A 112 3.41 -2.80 -16.71
C GLY A 112 3.71 -1.31 -16.78
N TYR A 113 3.21 -0.56 -15.80
CA TYR A 113 3.43 0.87 -15.73
C TYR A 113 4.40 1.10 -14.60
N LYS A 114 5.36 2.01 -14.81
CA LYS A 114 6.31 2.37 -13.77
C LYS A 114 5.56 3.29 -12.82
N VAL A 115 6.05 3.43 -11.58
CA VAL A 115 5.39 4.26 -10.59
C VAL A 115 6.36 5.13 -9.78
N PHE A 116 5.94 6.38 -9.62
CA PHE A 116 6.67 7.42 -8.90
C PHE A 116 5.69 8.16 -8.02
N PHE A 117 6.10 8.39 -6.78
CA PHE A 117 5.23 9.07 -5.83
C PHE A 117 5.68 10.47 -5.47
N ILE A 118 4.72 11.35 -5.25
CA ILE A 118 5.04 12.70 -4.85
C ILE A 118 4.26 12.91 -3.56
N GLU A 119 4.97 13.04 -2.44
CA GLU A 119 4.30 13.25 -1.17
C GLU A 119 4.53 14.64 -0.66
N SER A 120 3.44 15.38 -0.54
CA SER A 120 3.52 16.75 -0.05
C SER A 120 3.22 16.73 1.44
N ILE A 121 4.25 17.04 2.22
CA ILE A 121 4.14 17.04 3.67
C ILE A 121 4.30 18.46 4.19
N CYS A 122 3.29 18.94 4.92
CA CYS A 122 3.33 20.26 5.53
C CYS A 122 2.55 20.32 6.85
N ASN A 123 3.26 20.66 7.91
CA ASN A 123 2.67 20.76 9.23
C ASN A 123 2.80 22.18 9.80
N ASP A 124 2.31 23.15 9.05
CA ASP A 124 2.33 24.53 9.51
C ASP A 124 0.88 24.94 9.39
N PRO A 125 0.21 25.17 10.54
CA PRO A 125 -1.20 25.57 10.54
C PRO A 125 -1.40 26.79 9.67
N GLY A 126 -0.38 27.64 9.67
CA GLY A 126 -0.46 28.84 8.87
C GLY A 126 -0.61 28.47 7.40
N ILE A 127 0.37 27.75 6.89
CA ILE A 127 0.36 27.36 5.49
C ILE A 127 -0.97 26.70 5.13
N ILE A 128 -1.44 25.76 5.94
CA ILE A 128 -2.69 25.09 5.60
C ILE A 128 -3.91 26.00 5.65
N ALA A 129 -3.92 26.92 6.62
CA ALA A 129 -5.02 27.86 6.74
C ALA A 129 -5.18 28.62 5.45
N GLU A 130 -4.09 29.24 5.00
CA GLU A 130 -4.09 30.00 3.76
C GLU A 130 -4.58 29.12 2.62
N ASN A 131 -4.07 27.88 2.52
CA ASN A 131 -4.50 26.98 1.44
C ASN A 131 -6.01 26.83 1.39
N ILE A 132 -6.63 26.64 2.55
CA ILE A 132 -8.09 26.51 2.59
C ILE A 132 -8.73 27.82 2.17
N ARG A 133 -8.21 28.92 2.71
CA ARG A 133 -8.71 30.25 2.36
C ARG A 133 -8.62 30.34 0.83
N GLN A 134 -7.38 30.30 0.37
CA GLN A 134 -7.07 30.38 -1.06
C GLN A 134 -7.88 29.48 -2.00
N VAL A 135 -7.89 28.17 -1.78
CA VAL A 135 -8.60 27.28 -2.71
C VAL A 135 -9.83 26.53 -2.27
N LYS A 136 -10.00 26.33 -0.97
CA LYS A 136 -11.14 25.55 -0.52
C LYS A 136 -12.44 26.34 -0.33
N LEU A 137 -12.34 27.62 0.05
CA LEU A 137 -13.54 28.43 0.24
C LEU A 137 -14.40 28.41 -1.03
N GLY A 138 -13.74 28.32 -2.17
CA GLY A 138 -14.46 28.29 -3.43
C GLY A 138 -14.47 26.97 -4.16
N SER A 139 -14.29 25.87 -3.43
CA SER A 139 -14.31 24.55 -4.07
C SER A 139 -15.78 24.29 -4.45
N PRO A 140 -16.03 23.48 -5.49
CA PRO A 140 -17.41 23.17 -5.91
C PRO A 140 -18.23 22.67 -4.73
N ASP A 141 -17.61 21.76 -3.98
CA ASP A 141 -18.21 21.15 -2.78
C ASP A 141 -18.85 22.23 -1.93
N TYR A 142 -18.05 23.22 -1.56
CA TYR A 142 -18.53 24.30 -0.73
C TYR A 142 -19.14 25.39 -1.58
N ILE A 143 -20.22 25.08 -2.31
CA ILE A 143 -20.91 26.06 -3.14
C ILE A 143 -20.86 27.24 -2.22
N ASP A 144 -20.02 28.23 -2.48
CA ASP A 144 -19.95 29.36 -1.54
C ASP A 144 -21.29 29.46 -0.83
N CYS A 145 -21.32 28.83 0.33
CA CYS A 145 -22.51 28.76 1.12
C CYS A 145 -22.14 29.34 2.46
N ASP A 146 -21.39 28.58 3.22
CA ASP A 146 -21.02 29.02 4.54
C ASP A 146 -19.82 29.91 4.66
N ARG A 147 -19.58 30.29 5.91
CA ARG A 147 -18.50 31.17 6.32
C ARG A 147 -17.35 30.36 6.84
N GLU A 148 -17.08 30.61 8.12
CA GLU A 148 -16.04 29.96 8.86
C GLU A 148 -16.43 28.49 8.99
N LYS A 149 -17.67 28.18 8.63
CA LYS A 149 -18.15 26.82 8.69
C LYS A 149 -17.39 25.97 7.65
N VAL A 150 -17.12 26.55 6.48
CA VAL A 150 -16.33 25.86 5.47
C VAL A 150 -15.05 25.35 6.15
N LEU A 151 -14.35 26.23 6.86
CA LEU A 151 -13.12 25.85 7.58
C LEU A 151 -13.40 24.65 8.49
N GLU A 152 -14.40 24.83 9.35
CA GLU A 152 -14.83 23.80 10.28
C GLU A 152 -14.88 22.46 9.56
N ASP A 153 -15.75 22.38 8.54
CA ASP A 153 -15.93 21.15 7.79
C ASP A 153 -14.62 20.65 7.17
N PHE A 154 -13.74 21.58 6.83
CA PHE A 154 -12.50 21.16 6.22
C PHE A 154 -11.47 20.70 7.24
N LEU A 155 -11.28 21.47 8.29
CA LEU A 155 -10.33 21.00 9.27
C LEU A 155 -10.74 19.57 9.66
N LYS A 156 -12.05 19.39 9.89
CA LYS A 156 -12.61 18.08 10.23
C LYS A 156 -12.29 17.07 9.14
N ARG A 157 -12.56 17.45 7.90
CA ARG A 157 -12.27 16.62 6.73
C ARG A 157 -10.83 16.13 6.82
N ILE A 158 -9.90 17.05 7.09
CA ILE A 158 -8.49 16.67 7.19
C ILE A 158 -8.32 15.66 8.31
N GLU A 159 -8.85 15.99 9.48
CA GLU A 159 -8.74 15.12 10.64
C GLU A 159 -9.08 13.66 10.27
N CYS A 160 -10.24 13.46 9.62
CA CYS A 160 -10.66 12.13 9.20
C CYS A 160 -9.49 11.38 8.62
N TYR A 161 -8.81 12.07 7.71
CA TYR A 161 -7.66 11.52 7.01
C TYR A 161 -6.41 11.33 7.86
N GLU A 162 -6.22 12.22 8.84
CA GLU A 162 -5.05 12.17 9.73
C GLU A 162 -4.99 10.86 10.48
N VAL A 163 -6.18 10.32 10.75
CA VAL A 163 -6.33 9.08 11.49
C VAL A 163 -5.47 7.93 11.00
N ASN A 164 -5.69 7.50 9.76
CA ASN A 164 -4.94 6.38 9.17
C ASN A 164 -3.79 6.78 8.24
N TYR A 165 -3.26 7.98 8.41
CA TYR A 165 -2.22 8.47 7.51
C TYR A 165 -0.89 7.74 7.66
N GLN A 166 -0.46 7.09 6.59
CA GLN A 166 0.80 6.38 6.62
C GLN A 166 1.74 6.92 5.59
N PRO A 167 2.54 7.92 5.96
CA PRO A 167 3.53 8.57 5.10
C PRO A 167 4.45 7.51 4.50
N LEU A 168 5.18 7.86 3.43
CA LEU A 168 6.08 6.90 2.82
C LEU A 168 7.16 6.73 3.87
N ASP A 169 7.55 5.48 4.08
CA ASP A 169 8.52 5.11 5.10
C ASP A 169 9.87 4.86 4.51
N GLU A 170 10.93 5.47 5.06
CA GLU A 170 12.23 5.26 4.46
C GLU A 170 12.70 3.83 4.53
N GLU A 171 12.11 3.04 5.42
CA GLU A 171 12.50 1.64 5.53
C GLU A 171 11.53 0.76 4.75
N LEU A 172 10.27 0.82 5.14
CA LEU A 172 9.23 0.03 4.50
C LEU A 172 9.02 0.35 3.03
N ASP A 173 9.30 1.58 2.64
CA ASP A 173 9.14 1.97 1.27
C ASP A 173 10.45 2.15 0.53
N SER A 174 11.55 1.72 1.15
CA SER A 174 12.90 1.78 0.57
C SER A 174 12.96 1.42 -0.94
N HIS A 175 12.23 0.39 -1.34
CA HIS A 175 12.22 -0.04 -2.75
C HIS A 175 11.48 0.92 -3.71
N LEU A 176 10.50 1.67 -3.21
CA LEU A 176 9.73 2.58 -4.06
C LEU A 176 10.50 3.83 -4.56
N SER A 177 10.05 4.39 -5.69
CA SER A 177 10.67 5.57 -6.26
C SER A 177 9.75 6.71 -5.90
N TYR A 178 10.30 7.74 -5.28
CA TYR A 178 9.47 8.87 -4.86
C TYR A 178 10.29 10.07 -4.48
N ILE A 179 9.54 11.14 -4.18
CA ILE A 179 10.10 12.39 -3.70
C ILE A 179 9.15 12.95 -2.65
N LYS A 180 9.72 13.27 -1.49
CA LYS A 180 8.94 13.86 -0.39
C LYS A 180 9.27 15.33 -0.40
N ILE A 181 8.24 16.15 -0.46
CA ILE A 181 8.40 17.61 -0.46
C ILE A 181 7.97 18.10 0.94
N PHE A 182 8.88 18.76 1.64
CA PHE A 182 8.58 19.24 2.99
C PHE A 182 8.49 20.74 3.08
N ASP A 183 7.45 21.21 3.76
CA ASP A 183 7.26 22.64 4.01
C ASP A 183 7.40 23.48 2.77
N VAL A 184 6.47 23.24 1.85
CA VAL A 184 6.41 23.95 0.60
C VAL A 184 7.79 24.09 -0.04
N GLY A 185 8.51 22.98 -0.17
CA GLY A 185 9.79 23.02 -0.84
C GLY A 185 11.03 23.41 -0.08
N THR A 186 10.99 23.42 1.24
CA THR A 186 12.19 23.79 1.97
C THR A 186 13.22 22.67 2.00
N ARG A 187 12.72 21.46 2.13
CA ARG A 187 13.54 20.26 2.24
C ARG A 187 12.94 19.23 1.32
N TYR A 188 13.76 18.34 0.76
CA TYR A 188 13.22 17.29 -0.10
C TYR A 188 13.97 16.01 0.11
N MET A 189 13.28 14.89 -0.02
CA MET A 189 13.97 13.63 0.03
C MET A 189 13.61 12.86 -1.23
N VAL A 190 14.63 12.41 -1.94
CA VAL A 190 14.43 11.70 -3.18
C VAL A 190 14.98 10.30 -3.11
N ASN A 191 14.11 9.36 -3.45
CA ASN A 191 14.51 7.97 -3.42
C ASN A 191 14.26 7.24 -4.70
N ARG A 192 15.33 6.62 -5.17
CA ARG A 192 15.33 5.77 -6.34
C ARG A 192 14.80 6.30 -7.69
N VAL A 193 15.28 7.45 -8.14
CA VAL A 193 14.85 7.96 -9.44
C VAL A 193 15.32 6.91 -10.44
N GLN A 194 14.37 6.35 -11.19
CA GLN A 194 14.69 5.29 -12.13
C GLN A 194 15.20 5.75 -13.49
N ASP A 195 14.48 6.69 -14.09
CA ASP A 195 14.78 7.13 -15.44
C ASP A 195 14.70 8.62 -15.73
N HIS A 196 14.79 8.93 -17.02
CA HIS A 196 14.74 10.29 -17.54
C HIS A 196 13.55 11.04 -16.98
N ILE A 197 12.36 10.59 -17.35
CA ILE A 197 11.12 11.21 -16.89
C ILE A 197 11.13 11.51 -15.39
N GLN A 198 11.67 10.60 -14.59
CA GLN A 198 11.71 10.82 -13.16
C GLN A 198 12.77 11.84 -12.78
N SER A 199 13.95 11.75 -13.41
CA SER A 199 15.03 12.69 -13.13
C SER A 199 14.51 14.08 -13.48
N ARG A 200 13.71 14.12 -14.54
CA ARG A 200 13.11 15.36 -15.01
C ARG A 200 12.13 15.97 -14.04
N THR A 201 11.17 15.14 -13.61
CA THR A 201 10.12 15.56 -12.69
C THR A 201 10.67 16.08 -11.39
N VAL A 202 11.68 15.40 -10.90
CA VAL A 202 12.29 15.81 -9.66
C VAL A 202 12.83 17.20 -9.86
N TYR A 203 13.45 17.39 -11.02
CA TYR A 203 14.03 18.68 -11.29
C TYR A 203 12.96 19.79 -11.30
N TYR A 204 11.91 19.58 -12.08
CA TYR A 204 10.84 20.55 -12.16
C TYR A 204 10.27 20.85 -10.81
N LEU A 205 9.85 19.79 -10.12
CA LEU A 205 9.24 19.93 -8.80
C LEU A 205 10.12 20.67 -7.80
N MET A 206 11.41 20.39 -7.84
CA MET A 206 12.31 21.07 -6.92
C MET A 206 12.65 22.46 -7.41
N ASN A 207 11.95 22.97 -8.41
CA ASN A 207 12.28 24.30 -8.90
C ASN A 207 11.10 25.23 -9.03
N ILE A 208 9.91 24.78 -8.65
CA ILE A 208 8.75 25.65 -8.71
C ILE A 208 8.43 26.12 -7.31
N HIS A 209 7.59 27.13 -7.16
CA HIS A 209 7.31 27.62 -5.81
C HIS A 209 5.93 28.23 -5.79
N VAL A 210 5.53 28.79 -4.65
CA VAL A 210 4.20 29.39 -4.60
C VAL A 210 4.19 30.84 -4.10
N THR A 211 5.31 31.52 -4.31
CA THR A 211 5.43 32.90 -3.93
C THR A 211 4.73 33.77 -4.95
N PRO A 212 3.72 34.53 -4.52
CA PRO A 212 2.99 35.40 -5.44
C PRO A 212 3.96 36.37 -6.13
N ARG A 213 3.79 36.50 -7.45
CA ARG A 213 4.62 37.41 -8.24
C ARG A 213 3.94 37.56 -9.58
N SER A 214 4.52 38.41 -10.42
CA SER A 214 3.98 38.61 -11.75
C SER A 214 5.05 38.42 -12.83
N ILE A 215 4.60 37.98 -14.00
CA ILE A 215 5.48 37.77 -15.12
C ILE A 215 4.99 38.64 -16.25
N TYR A 216 5.86 39.56 -16.67
CA TYR A 216 5.54 40.50 -17.72
C TYR A 216 6.27 40.05 -18.96
N LEU A 217 5.50 39.85 -20.03
CA LEU A 217 6.04 39.41 -21.31
C LEU A 217 5.76 40.49 -22.35
N CYS A 218 6.76 40.79 -23.16
CA CYS A 218 6.61 41.76 -24.22
C CYS A 218 7.74 41.55 -25.22
N ARG A 219 7.53 42.14 -26.40
CA ARG A 219 8.51 42.06 -27.45
C ARG A 219 9.34 43.29 -27.31
N HIS A 220 10.44 43.32 -28.06
CA HIS A 220 11.37 44.44 -28.16
C HIS A 220 10.50 45.56 -28.82
N GLY A 221 10.95 46.80 -28.79
CA GLY A 221 10.19 47.85 -29.46
C GLY A 221 10.23 47.60 -30.96
N GLU A 222 9.30 48.20 -31.71
CA GLU A 222 9.25 48.03 -33.16
C GLU A 222 10.66 48.17 -33.78
N SER A 223 11.03 47.21 -34.63
CA SER A 223 12.35 47.22 -35.27
C SER A 223 12.30 47.67 -36.72
N GLU A 224 13.48 48.00 -37.26
CA GLU A 224 13.56 48.44 -38.66
C GLU A 224 13.04 47.38 -39.64
N LEU A 225 13.30 46.11 -39.37
CA LEU A 225 12.80 45.09 -40.26
C LEU A 225 11.31 44.91 -40.03
N ASN A 226 10.85 45.35 -38.86
CA ASN A 226 9.43 45.24 -38.54
C ASN A 226 8.68 46.20 -39.45
N ILE A 227 9.21 47.40 -39.50
CA ILE A 227 8.62 48.44 -40.29
C ILE A 227 8.60 48.08 -41.77
N ARG A 228 9.56 47.27 -42.20
CA ARG A 228 9.64 46.87 -43.60
C ARG A 228 8.91 45.58 -43.94
N GLY A 229 8.22 45.00 -42.97
CA GLY A 229 7.51 43.75 -43.20
C GLY A 229 8.42 42.57 -43.50
N ARG A 230 9.61 42.57 -42.93
CA ARG A 230 10.54 41.48 -43.16
C ARG A 230 10.73 40.69 -41.88
N ILE A 231 10.73 39.35 -41.98
CA ILE A 231 10.87 38.48 -40.80
C ILE A 231 12.29 38.14 -40.41
N GLY A 232 12.48 37.95 -39.12
CA GLY A 232 13.79 37.56 -38.63
C GLY A 232 14.82 38.64 -38.69
N GLY A 233 16.07 38.21 -38.80
CA GLY A 233 17.17 39.15 -38.88
C GLY A 233 17.51 39.72 -37.52
N ASP A 234 18.45 40.66 -37.51
CA ASP A 234 18.86 41.30 -36.26
C ASP A 234 18.90 42.82 -36.39
N SER A 235 17.79 43.40 -36.84
CA SER A 235 17.71 44.84 -37.00
C SER A 235 17.58 45.56 -35.66
N GLY A 236 17.79 46.87 -35.65
CA GLY A 236 17.68 47.61 -34.41
C GLY A 236 16.27 48.19 -34.31
N LEU A 237 16.06 48.92 -33.24
CA LEU A 237 14.78 49.56 -32.99
C LEU A 237 14.50 50.72 -33.94
N SER A 238 13.23 50.96 -34.22
CA SER A 238 12.84 52.07 -35.06
C SER A 238 12.73 53.22 -34.08
N VAL A 239 12.30 54.40 -34.55
CA VAL A 239 12.15 55.53 -33.65
C VAL A 239 11.04 55.19 -32.70
N ARG A 240 9.98 54.60 -33.25
CA ARG A 240 8.83 54.20 -32.44
C ARG A 240 9.25 53.13 -31.45
N GLY A 241 10.14 52.25 -31.91
CA GLY A 241 10.62 51.20 -31.04
C GLY A 241 11.33 51.85 -29.87
N LYS A 242 12.15 52.85 -30.16
CA LYS A 242 12.89 53.54 -29.12
C LYS A 242 11.99 54.32 -28.18
N GLN A 243 10.87 54.81 -28.72
CA GLN A 243 9.94 55.53 -27.88
C GLN A 243 9.27 54.53 -26.92
N TYR A 244 8.85 53.37 -27.45
CA TYR A 244 8.20 52.36 -26.61
C TYR A 244 9.13 51.89 -25.50
N ALA A 245 10.41 51.69 -25.81
CA ALA A 245 11.35 51.26 -24.78
C ALA A 245 11.22 52.09 -23.50
N TYR A 246 11.03 53.40 -23.67
CA TYR A 246 10.89 54.29 -22.53
C TYR A 246 9.47 54.36 -21.99
N ALA A 247 8.46 54.07 -22.81
CA ALA A 247 7.07 54.07 -22.31
C ALA A 247 6.96 52.85 -21.38
N LEU A 248 7.67 51.79 -21.80
CA LEU A 248 7.73 50.52 -21.08
C LEU A 248 8.38 50.78 -19.72
N ALA A 249 9.57 51.38 -19.73
CA ALA A 249 10.26 51.69 -18.48
C ALA A 249 9.35 52.52 -17.58
N ASN A 250 8.58 53.43 -18.18
CA ASN A 250 7.66 54.26 -17.42
C ASN A 250 6.61 53.39 -16.75
N PHE A 251 6.09 52.44 -17.51
CA PHE A 251 5.07 51.51 -17.05
C PHE A 251 5.63 50.66 -15.94
N ILE A 252 6.76 50.04 -16.21
CA ILE A 252 7.42 49.18 -15.23
C ILE A 252 7.59 49.94 -13.92
N GLN A 253 8.06 51.18 -13.99
CA GLN A 253 8.21 51.98 -12.78
C GLN A 253 6.88 52.23 -12.10
N SER A 254 5.83 52.41 -12.89
CA SER A 254 4.50 52.63 -12.33
C SER A 254 3.95 51.39 -11.62
N GLN A 255 4.45 50.21 -11.96
CA GLN A 255 3.94 49.00 -11.32
C GLN A 255 4.48 48.83 -9.91
N GLY A 256 5.55 49.53 -9.59
CA GLY A 256 6.13 49.43 -8.26
C GLY A 256 6.43 47.99 -7.89
N ILE A 257 7.18 47.34 -8.77
CA ILE A 257 7.58 45.94 -8.62
C ILE A 257 8.78 45.75 -7.69
N SER A 258 8.72 44.75 -6.82
CA SER A 258 9.84 44.49 -5.92
C SER A 258 10.84 43.63 -6.72
N SER A 259 12.11 43.95 -6.53
CA SER A 259 13.21 43.30 -7.25
C SER A 259 12.77 42.60 -8.52
N LEU A 260 12.72 43.35 -9.61
CA LEU A 260 12.30 42.82 -10.88
C LEU A 260 13.54 42.33 -11.62
N LYS A 261 13.43 41.13 -12.19
CA LYS A 261 14.52 40.55 -12.94
C LYS A 261 14.17 40.78 -14.38
N VAL A 262 15.18 41.08 -15.20
CA VAL A 262 14.93 41.32 -16.60
C VAL A 262 15.76 40.40 -17.48
N PHE A 263 15.08 39.73 -18.41
CA PHE A 263 15.71 38.84 -19.39
C PHE A 263 15.49 39.36 -20.81
N THR A 264 16.54 39.23 -21.64
CA THR A 264 16.51 39.62 -23.05
C THR A 264 17.12 38.48 -23.87
N SER A 265 17.10 38.60 -25.19
CA SER A 265 17.70 37.63 -26.06
C SER A 265 19.10 38.20 -26.32
N ARG A 266 19.82 37.63 -27.28
CA ARG A 266 21.15 38.15 -27.61
C ARG A 266 20.97 39.05 -28.83
N MET A 267 19.73 39.18 -29.27
CA MET A 267 19.46 40.01 -30.41
C MET A 267 19.34 41.49 -30.03
N LYS A 268 19.95 42.32 -30.87
CA LYS A 268 19.98 43.75 -30.66
C LYS A 268 18.68 44.44 -30.22
N ARG A 269 17.57 44.14 -30.87
CA ARG A 269 16.32 44.81 -30.53
C ARG A 269 15.82 44.62 -29.12
N THR A 270 15.99 43.44 -28.55
CA THR A 270 15.56 43.21 -27.19
C THR A 270 16.58 43.89 -26.27
N ILE A 271 17.87 43.77 -26.60
CA ILE A 271 18.88 44.40 -25.76
C ILE A 271 18.67 45.89 -25.66
N GLN A 272 18.50 46.55 -26.81
CA GLN A 272 18.26 48.00 -26.86
C GLN A 272 17.07 48.39 -26.01
N THR A 273 15.98 47.62 -26.09
CA THR A 273 14.77 47.90 -25.30
C THR A 273 15.10 47.80 -23.81
N ALA A 274 15.94 46.84 -23.45
CA ALA A 274 16.33 46.65 -22.07
C ALA A 274 17.09 47.84 -21.53
N GLU A 275 17.97 48.39 -22.36
CA GLU A 275 18.78 49.52 -22.00
C GLU A 275 17.97 50.68 -21.47
N ALA A 276 16.76 50.84 -22.03
CA ALA A 276 15.87 51.92 -21.63
C ALA A 276 15.45 51.87 -20.18
N LEU A 277 15.56 50.70 -19.54
CA LEU A 277 15.11 50.55 -18.17
C LEU A 277 16.08 51.06 -17.12
N GLY A 278 17.36 51.13 -17.47
CA GLY A 278 18.35 51.61 -16.52
C GLY A 278 18.59 50.68 -15.34
N VAL A 279 18.35 49.38 -15.55
CA VAL A 279 18.56 48.37 -14.51
C VAL A 279 19.30 47.21 -15.13
N PRO A 280 20.03 46.42 -14.31
CA PRO A 280 20.72 45.31 -14.97
C PRO A 280 19.69 44.31 -15.51
N TYR A 281 20.09 43.60 -16.55
CA TYR A 281 19.23 42.60 -17.14
C TYR A 281 20.18 41.51 -17.62
N GLU A 282 19.62 40.37 -18.01
CA GLU A 282 20.42 39.23 -18.44
C GLU A 282 20.05 38.75 -19.82
N GLN A 283 21.06 38.46 -20.63
CA GLN A 283 20.82 38.01 -21.98
C GLN A 283 20.83 36.50 -22.06
N PHE A 284 19.91 35.96 -22.84
CA PHE A 284 19.82 34.53 -23.01
C PHE A 284 19.77 34.18 -24.47
N LYS A 285 20.78 33.48 -24.93
CA LYS A 285 20.81 33.11 -26.31
C LYS A 285 19.56 32.33 -26.68
N ALA A 286 18.99 31.63 -25.71
CA ALA A 286 17.80 30.81 -25.98
C ALA A 286 16.52 31.58 -26.20
N LEU A 287 16.55 32.88 -25.98
CA LEU A 287 15.35 33.70 -26.20
C LEU A 287 15.34 34.33 -27.60
N ASN A 288 16.42 34.14 -28.37
CA ASN A 288 16.50 34.68 -29.72
C ASN A 288 15.24 34.29 -30.46
N GLU A 289 14.85 35.06 -31.47
CA GLU A 289 13.63 34.75 -32.20
C GLU A 289 13.80 33.47 -33.02
N ILE A 290 12.68 32.81 -33.28
CA ILE A 290 12.69 31.58 -34.06
C ILE A 290 13.57 31.85 -35.28
N ASP A 291 14.20 30.82 -35.84
CA ASP A 291 15.06 31.01 -36.99
C ASP A 291 14.35 30.56 -38.28
N ALA A 292 14.18 31.46 -39.24
CA ALA A 292 13.48 31.18 -40.51
C ALA A 292 14.31 30.53 -41.62
N GLY A 293 15.54 30.15 -41.31
CA GLY A 293 16.38 29.51 -42.28
C GLY A 293 16.54 30.34 -43.54
N VAL A 294 16.16 29.73 -44.67
CA VAL A 294 16.30 30.40 -45.94
C VAL A 294 15.42 31.61 -46.15
N CYS A 295 14.39 31.77 -45.32
CA CYS A 295 13.49 32.90 -45.47
C CYS A 295 13.87 33.99 -44.50
N GLU A 296 15.04 33.86 -43.89
CA GLU A 296 15.48 34.87 -42.96
C GLU A 296 15.53 36.19 -43.68
N GLU A 297 14.93 37.20 -43.06
CA GLU A 297 14.88 38.55 -43.60
C GLU A 297 13.98 38.82 -44.82
N MET A 298 13.24 37.83 -45.29
CA MET A 298 12.35 38.06 -46.43
C MET A 298 11.03 38.72 -46.01
N THR A 299 10.20 39.04 -46.99
CA THR A 299 8.89 39.58 -46.72
C THR A 299 8.06 38.36 -47.12
N TYR A 300 6.82 38.29 -46.65
CA TYR A 300 6.00 37.13 -46.96
C TYR A 300 5.83 37.00 -48.44
N GLU A 301 5.88 38.15 -49.11
CA GLU A 301 5.73 38.14 -50.54
C GLU A 301 6.91 37.41 -51.17
N GLU A 302 8.12 37.77 -50.75
CA GLU A 302 9.34 37.16 -51.27
C GLU A 302 9.39 35.66 -50.96
N ILE A 303 8.71 35.27 -49.88
CA ILE A 303 8.70 33.87 -49.47
C ILE A 303 7.75 33.13 -50.38
N GLN A 304 6.56 33.69 -50.61
CA GLN A 304 5.58 33.06 -51.49
C GLN A 304 6.26 32.90 -52.84
N GLU A 305 6.94 33.95 -53.26
CA GLU A 305 7.62 33.96 -54.54
C GLU A 305 8.74 32.95 -54.68
N HIS A 306 9.61 32.85 -53.69
CA HIS A 306 10.71 31.90 -53.79
C HIS A 306 10.52 30.48 -53.25
N TYR A 307 9.58 30.32 -52.32
CA TYR A 307 9.34 29.01 -51.70
C TYR A 307 7.87 28.82 -51.46
N PRO A 308 7.09 28.84 -52.54
CA PRO A 308 5.63 28.67 -52.44
C PRO A 308 5.14 27.37 -51.82
N GLU A 309 5.84 26.27 -52.07
CA GLU A 309 5.40 24.99 -51.52
C GLU A 309 5.65 24.94 -50.04
N GLU A 310 6.81 25.43 -49.65
CA GLU A 310 7.20 25.48 -48.26
C GLU A 310 6.13 26.32 -47.59
N PHE A 311 5.96 27.56 -48.06
CA PHE A 311 4.96 28.49 -47.54
C PHE A 311 3.59 27.84 -47.26
N ALA A 312 3.03 27.09 -48.21
CA ALA A 312 1.73 26.45 -48.01
C ALA A 312 1.79 25.32 -47.01
N LEU A 313 2.85 24.52 -47.06
CA LEU A 313 3.00 23.39 -46.14
C LEU A 313 3.15 23.89 -44.71
N ARG A 314 3.87 24.99 -44.56
CA ARG A 314 4.04 25.57 -43.25
C ARG A 314 2.67 26.02 -42.73
N ASP A 315 1.84 26.57 -43.61
CA ASP A 315 0.51 27.02 -43.22
C ASP A 315 -0.34 25.79 -42.85
N GLN A 316 0.02 24.62 -43.38
CA GLN A 316 -0.70 23.41 -43.07
C GLN A 316 -0.36 22.87 -41.70
N ASP A 317 0.86 23.14 -41.25
CA ASP A 317 1.30 22.74 -39.91
C ASP A 317 2.39 23.69 -39.44
N LYS A 318 1.94 24.87 -39.00
CA LYS A 318 2.83 25.91 -38.55
C LYS A 318 3.59 25.49 -37.31
N TYR A 319 3.06 24.53 -36.58
CA TYR A 319 3.74 24.10 -35.39
C TYR A 319 4.96 23.24 -35.63
N ARG A 320 4.81 22.23 -36.49
CA ARG A 320 5.89 21.29 -36.79
C ARG A 320 6.74 21.61 -37.99
N TYR A 321 6.14 22.18 -39.03
CA TYR A 321 6.91 22.49 -40.23
C TYR A 321 8.07 23.46 -40.10
N ARG A 322 9.17 23.15 -40.79
CA ARG A 322 10.40 23.96 -40.81
C ARG A 322 10.69 24.56 -42.19
N TYR A 323 11.14 25.80 -42.24
CA TYR A 323 11.54 26.37 -43.51
C TYR A 323 12.93 25.75 -43.72
N PRO A 324 13.34 25.54 -44.99
CA PRO A 324 14.67 24.96 -45.22
C PRO A 324 15.71 25.69 -44.37
N LYS A 325 16.45 24.93 -43.58
CA LYS A 325 17.49 25.47 -42.71
C LYS A 325 16.99 26.31 -41.53
N GLY A 326 15.69 26.17 -41.25
CA GLY A 326 15.09 26.92 -40.15
C GLY A 326 14.43 26.03 -39.09
N GLU A 327 14.00 26.63 -37.98
CA GLU A 327 13.36 25.90 -36.89
C GLU A 327 11.84 25.85 -37.03
N SER A 328 11.22 24.94 -36.29
CA SER A 328 9.78 24.86 -36.29
C SER A 328 9.39 25.43 -34.92
N TYR A 329 8.10 25.64 -34.67
CA TYR A 329 7.65 26.14 -33.38
C TYR A 329 7.93 25.07 -32.33
N GLU A 330 7.77 23.80 -32.75
CA GLU A 330 8.06 22.66 -31.91
C GLU A 330 9.51 22.83 -31.47
N ASP A 331 10.38 23.06 -32.43
CA ASP A 331 11.80 23.27 -32.16
C ASP A 331 12.03 24.36 -31.08
N LEU A 332 11.45 25.53 -31.34
CA LEU A 332 11.57 26.66 -30.42
C LEU A 332 11.20 26.27 -29.00
N VAL A 333 10.02 25.65 -28.87
CA VAL A 333 9.52 25.21 -27.56
C VAL A 333 10.61 24.40 -26.84
N GLN A 334 11.19 23.41 -27.52
CA GLN A 334 12.25 22.60 -26.92
C GLN A 334 13.39 23.50 -26.47
N ARG A 335 13.86 24.35 -27.38
CA ARG A 335 14.95 25.26 -27.03
C ARG A 335 14.62 26.23 -25.87
N LEU A 336 13.33 26.46 -25.62
CA LEU A 336 12.90 27.36 -24.54
C LEU A 336 12.77 26.72 -23.14
N GLU A 337 12.89 25.41 -23.08
CA GLU A 337 12.76 24.73 -21.81
C GLU A 337 13.57 25.37 -20.68
N PRO A 338 14.89 25.52 -20.90
CA PRO A 338 15.71 26.11 -19.85
C PRO A 338 15.14 27.44 -19.35
N VAL A 339 14.58 28.23 -20.27
CA VAL A 339 14.03 29.53 -19.87
C VAL A 339 12.78 29.36 -19.03
N ILE A 340 11.88 28.50 -19.48
CA ILE A 340 10.66 28.27 -18.74
C ILE A 340 11.02 27.92 -17.30
N MET A 341 12.00 27.05 -17.13
CA MET A 341 12.42 26.63 -15.81
C MET A 341 12.97 27.79 -14.98
N GLU A 342 13.73 28.67 -15.63
CA GLU A 342 14.30 29.78 -14.94
C GLU A 342 13.18 30.72 -14.54
N LEU A 343 12.13 30.78 -15.35
CA LEU A 343 10.98 31.64 -15.06
C LEU A 343 10.23 31.13 -13.82
N GLU A 344 10.23 29.80 -13.65
CA GLU A 344 9.57 29.16 -12.51
C GLU A 344 10.29 29.51 -11.21
N ARG A 345 11.61 29.56 -11.26
CA ARG A 345 12.45 29.88 -10.11
C ARG A 345 12.45 31.34 -9.71
N GLN A 346 12.13 32.20 -10.66
CA GLN A 346 12.11 33.62 -10.40
C GLN A 346 10.82 34.05 -9.75
N GLU A 347 10.81 35.24 -9.16
CA GLU A 347 9.60 35.78 -8.57
C GLU A 347 9.08 36.77 -9.63
N ASN A 348 9.34 38.07 -9.45
CA ASN A 348 8.92 39.09 -10.44
C ASN A 348 9.97 39.17 -11.56
N VAL A 349 9.53 38.98 -12.79
CA VAL A 349 10.45 39.00 -13.92
C VAL A 349 9.80 39.59 -15.18
N LEU A 350 10.57 40.36 -15.93
CA LEU A 350 10.09 40.95 -17.16
C LEU A 350 10.92 40.30 -18.23
N VAL A 351 10.26 39.86 -19.29
CA VAL A 351 10.95 39.22 -20.40
C VAL A 351 10.70 39.98 -21.71
N ILE A 352 11.76 40.59 -22.22
CA ILE A 352 11.69 41.32 -23.48
C ILE A 352 12.18 40.35 -24.56
N CYS A 353 11.27 39.86 -25.41
CA CYS A 353 11.68 38.91 -26.42
C CYS A 353 11.18 39.16 -27.84
N HIS A 354 10.58 38.15 -28.45
CA HIS A 354 10.12 38.23 -29.83
C HIS A 354 8.77 37.61 -30.04
N GLN A 355 8.20 37.86 -31.22
CA GLN A 355 6.88 37.33 -31.54
C GLN A 355 6.70 35.83 -31.37
N ALA A 356 7.55 35.02 -32.00
CA ALA A 356 7.37 33.57 -31.87
C ALA A 356 7.74 33.09 -30.46
N VAL A 357 8.84 33.58 -29.92
CA VAL A 357 9.27 33.21 -28.58
C VAL A 357 8.11 33.49 -27.61
N MET A 358 7.61 34.71 -27.69
CA MET A 358 6.53 35.12 -26.81
C MET A 358 5.26 34.24 -26.90
N ARG A 359 4.97 33.72 -28.09
CA ARG A 359 3.79 32.87 -28.27
C ARG A 359 3.95 31.59 -27.50
N CYS A 360 5.18 31.06 -27.56
CA CYS A 360 5.52 29.84 -26.86
C CYS A 360 5.33 30.07 -25.37
N LEU A 361 5.94 31.12 -24.83
CA LEU A 361 5.83 31.43 -23.40
C LEU A 361 4.39 31.61 -22.90
N LEU A 362 3.58 32.27 -23.69
CA LEU A 362 2.18 32.51 -23.34
C LEU A 362 1.45 31.18 -23.32
N ALA A 363 1.66 30.39 -24.36
CA ALA A 363 1.05 29.07 -24.52
C ALA A 363 1.40 28.23 -23.29
N TYR A 364 2.64 28.37 -22.82
CA TYR A 364 3.07 27.65 -21.64
C TYR A 364 2.27 28.10 -20.43
N PHE A 365 2.33 29.38 -20.10
CA PHE A 365 1.62 29.92 -18.93
C PHE A 365 0.08 29.90 -19.05
N LEU A 366 -0.45 29.93 -20.26
CA LEU A 366 -1.91 29.97 -20.38
C LEU A 366 -2.50 28.68 -20.88
N ASP A 367 -1.66 27.66 -20.91
CA ASP A 367 -2.08 26.34 -21.32
C ASP A 367 -2.80 26.27 -22.67
N LYS A 368 -2.23 26.90 -23.70
CA LYS A 368 -2.86 26.84 -25.02
C LYS A 368 -2.35 25.59 -25.71
N SER A 369 -3.06 25.11 -26.72
CA SER A 369 -2.65 23.91 -27.45
C SER A 369 -1.58 24.25 -28.49
N SER A 370 -0.73 23.29 -28.81
CA SER A 370 0.33 23.50 -29.78
C SER A 370 -0.26 23.95 -31.09
N GLU A 371 -1.51 23.56 -31.31
CA GLU A 371 -2.23 23.95 -32.53
C GLU A 371 -2.43 25.45 -32.44
N GLU A 372 -2.86 25.89 -31.27
CA GLU A 372 -3.13 27.30 -31.00
C GLU A 372 -1.88 28.18 -30.91
N LEU A 373 -0.83 27.66 -30.29
CA LEU A 373 0.40 28.40 -30.06
C LEU A 373 1.02 29.26 -31.16
N PRO A 374 1.23 28.66 -32.36
CA PRO A 374 1.83 29.49 -33.41
C PRO A 374 0.93 30.63 -33.87
N TYR A 375 -0.27 30.70 -33.34
CA TYR A 375 -1.15 31.75 -33.79
C TYR A 375 -1.58 32.74 -32.74
N LEU A 376 -0.94 32.75 -31.59
CA LEU A 376 -1.32 33.70 -30.55
C LEU A 376 -0.95 35.12 -30.98
N LYS A 377 -1.76 36.07 -30.53
CA LYS A 377 -1.58 37.48 -30.86
C LYS A 377 -0.63 38.18 -29.91
N CYS A 378 0.57 38.48 -30.37
CA CYS A 378 1.57 39.16 -29.55
C CYS A 378 1.93 40.48 -30.23
N PRO A 379 1.05 41.50 -30.07
CA PRO A 379 1.28 42.82 -30.68
C PRO A 379 2.47 43.53 -30.12
N LEU A 380 3.08 44.39 -30.94
CA LEU A 380 4.24 45.16 -30.51
C LEU A 380 3.74 46.22 -29.55
N HIS A 381 4.65 46.76 -28.74
CA HIS A 381 4.33 47.83 -27.80
C HIS A 381 3.15 47.57 -26.87
N THR A 382 2.98 46.30 -26.55
CA THR A 382 1.91 45.85 -25.66
C THR A 382 2.52 44.94 -24.60
N VAL A 383 2.18 45.18 -23.34
CA VAL A 383 2.70 44.37 -22.27
C VAL A 383 1.64 43.41 -21.77
N LEU A 384 2.03 42.14 -21.62
CA LEU A 384 1.13 41.12 -21.11
C LEU A 384 1.56 40.80 -19.69
N LYS A 385 0.70 41.14 -18.75
CA LYS A 385 0.97 40.90 -17.34
C LYS A 385 0.28 39.59 -16.94
N LEU A 386 1.13 38.63 -16.57
CA LEU A 386 0.70 37.31 -16.15
C LEU A 386 0.76 37.17 -14.63
N THR A 387 -0.37 36.82 -14.05
CA THR A 387 -0.41 36.67 -12.62
C THR A 387 -0.81 35.26 -12.31
N PRO A 388 0.15 34.44 -11.87
CA PRO A 388 -0.18 33.05 -11.54
C PRO A 388 -1.12 33.00 -10.34
N VAL A 389 -2.07 32.09 -10.40
CA VAL A 389 -3.03 31.91 -9.32
C VAL A 389 -3.16 30.41 -9.14
N ALA A 390 -3.64 29.97 -7.98
CA ALA A 390 -3.81 28.53 -7.73
C ALA A 390 -4.52 27.97 -8.96
N TYR A 391 -3.97 26.87 -9.51
CA TYR A 391 -4.44 26.24 -10.75
C TYR A 391 -4.89 27.31 -11.73
N GLY A 392 -3.95 27.83 -12.50
CA GLY A 392 -4.30 28.86 -13.45
C GLY A 392 -3.34 30.01 -13.53
N CYS A 393 -3.77 31.04 -14.23
CA CYS A 393 -2.96 32.24 -14.43
C CYS A 393 -3.74 33.30 -15.19
N LYS A 394 -4.06 34.42 -14.54
CA LYS A 394 -4.81 35.47 -15.20
C LYS A 394 -3.82 36.26 -16.05
N VAL A 395 -4.34 37.02 -17.01
CA VAL A 395 -3.47 37.77 -17.88
C VAL A 395 -4.12 39.09 -18.27
N GLU A 396 -3.32 40.15 -18.28
CA GLU A 396 -3.81 41.49 -18.65
C GLU A 396 -3.01 42.00 -19.83
N SER A 397 -3.70 42.55 -20.82
CA SER A 397 -3.03 43.09 -21.98
C SER A 397 -2.97 44.60 -21.79
N ILE A 398 -1.77 45.16 -21.85
CA ILE A 398 -1.66 46.58 -21.64
C ILE A 398 -0.93 47.25 -22.80
N TYR A 399 -1.68 48.01 -23.59
CA TYR A 399 -1.09 48.71 -24.72
C TYR A 399 -0.41 49.95 -24.17
N LEU A 400 0.81 50.22 -24.62
CA LEU A 400 1.54 51.38 -24.10
C LEU A 400 1.47 52.70 -24.91
N ASN A 401 0.47 52.84 -25.77
CA ASN A 401 0.26 54.07 -26.54
C ASN A 401 1.40 54.60 -27.41
N VAL A 402 1.99 53.73 -28.23
CA VAL A 402 3.05 54.11 -29.17
C VAL A 402 2.72 53.24 -30.35
N GLU A 403 2.41 53.83 -31.48
CA GLU A 403 2.06 53.04 -32.62
C GLU A 403 3.24 52.21 -33.11
N ALA A 404 2.92 51.12 -33.79
CA ALA A 404 3.93 50.24 -34.35
C ALA A 404 3.18 49.55 -35.46
N VAL A 405 3.89 48.85 -36.33
CA VAL A 405 3.23 48.12 -37.42
C VAL A 405 2.57 46.84 -36.90
N ASN A 406 1.76 46.20 -37.72
CA ASN A 406 1.10 44.96 -37.34
C ASN A 406 1.85 43.80 -37.98
N THR A 407 2.26 42.81 -37.20
CA THR A 407 3.00 41.69 -37.75
C THR A 407 2.22 40.37 -37.65
N HIS A 408 1.00 40.43 -37.15
CA HIS A 408 0.24 39.19 -37.03
C HIS A 408 -0.27 38.70 -38.37
N ARG A 409 0.12 37.50 -38.77
CA ARG A 409 -0.37 36.95 -40.04
C ARG A 409 -1.23 35.74 -39.78
N GLU A 410 -2.54 35.89 -39.94
CA GLU A 410 -3.44 34.76 -39.72
C GLU A 410 -3.36 33.69 -40.78
N LYS A 411 -3.80 32.49 -40.41
CA LYS A 411 -3.83 31.39 -41.33
C LYS A 411 -4.77 31.69 -42.51
N PRO A 412 -4.26 31.58 -43.74
CA PRO A 412 -5.06 31.83 -44.94
C PRO A 412 -6.15 30.79 -45.02
N GLU A 413 -7.26 31.10 -45.68
CA GLU A 413 -8.31 30.09 -45.81
C GLU A 413 -7.86 28.99 -46.77
N ASN A 414 -6.94 29.32 -47.67
CA ASN A 414 -6.40 28.34 -48.60
C ASN A 414 -4.93 28.10 -48.29
N VAL A 415 -4.62 26.86 -47.93
CA VAL A 415 -3.25 26.46 -47.61
C VAL A 415 -2.73 25.37 -48.53
N ASP A 416 -3.43 25.15 -49.62
CA ASP A 416 -3.05 24.13 -50.58
C ASP A 416 -1.73 24.48 -51.26
N ILE A 417 -0.99 23.46 -51.70
CA ILE A 417 0.29 23.70 -52.37
C ILE A 417 0.04 24.44 -53.69
N THR A 418 -1.11 24.17 -54.30
CA THR A 418 -1.51 24.77 -55.57
C THR A 418 -2.32 26.07 -55.46
N ARG A 419 -2.50 26.57 -54.23
CA ARG A 419 -3.20 27.83 -54.02
C ARG A 419 -2.38 28.90 -54.70
N GLU A 420 -3.03 30.01 -55.00
CA GLU A 420 -2.34 31.09 -55.69
C GLU A 420 -1.77 32.14 -54.79
N PRO A 421 -0.76 32.86 -55.28
CA PRO A 421 -0.11 33.93 -54.51
C PRO A 421 -1.09 34.78 -53.71
N GLU A 422 -2.06 35.41 -54.37
CA GLU A 422 -3.01 36.25 -53.67
C GLU A 422 -3.69 35.51 -52.54
N GLU A 423 -4.03 34.24 -52.80
CA GLU A 423 -4.67 33.40 -51.81
C GLU A 423 -3.74 33.09 -50.63
N ALA A 424 -2.44 33.13 -50.90
CA ALA A 424 -1.42 32.84 -49.90
C ALA A 424 -0.97 34.09 -49.16
N LEU A 425 -1.16 35.26 -49.77
CA LEU A 425 -0.75 36.50 -49.14
C LEU A 425 -1.90 37.40 -48.66
N ASP A 426 -3.14 36.93 -48.81
CA ASP A 426 -4.28 37.73 -48.40
C ASP A 426 -4.46 38.00 -46.91
N THR A 427 -3.60 37.45 -46.05
CA THR A 427 -3.72 37.70 -44.60
C THR A 427 -2.47 38.42 -44.14
N VAL A 428 -1.66 38.87 -45.08
CA VAL A 428 -0.47 39.58 -44.72
C VAL A 428 -0.88 41.00 -44.32
N PRO A 429 -0.38 41.47 -43.15
CA PRO A 429 -0.72 42.83 -42.70
C PRO A 429 0.09 43.91 -43.40
N ALA A 430 -0.42 45.13 -43.37
CA ALA A 430 0.24 46.27 -43.99
C ALA A 430 1.59 46.51 -43.33
N HIS A 431 2.60 46.70 -44.15
CA HIS A 431 3.95 47.00 -43.70
C HIS A 431 4.37 48.14 -44.58
N TYR A 432 5.35 48.91 -44.16
CA TYR A 432 5.76 50.02 -45.01
C TYR A 432 6.53 49.48 -46.19
N ASN B 1 -12.92 -44.73 7.63
CA ASN B 1 -12.73 -44.88 6.16
C ASN B 1 -11.31 -44.63 5.61
N SER B 2 -11.12 -43.77 4.60
CA SER B 2 -9.79 -43.59 4.01
C SER B 2 -9.08 -42.29 4.30
N PRO B 3 -7.74 -42.34 4.42
CA PRO B 3 -6.94 -41.14 4.70
C PRO B 3 -7.19 -39.99 3.75
N THR B 4 -6.59 -38.85 4.05
CA THR B 4 -6.77 -37.66 3.24
C THR B 4 -5.44 -36.91 3.02
N MET B 5 -5.34 -36.32 1.84
CA MET B 5 -4.20 -35.51 1.50
C MET B 5 -4.76 -34.10 1.36
N VAL B 6 -4.17 -33.15 2.06
CA VAL B 6 -4.59 -31.76 1.96
C VAL B 6 -3.49 -31.12 1.13
N ILE B 7 -3.87 -30.55 0.01
CA ILE B 7 -2.88 -29.98 -0.87
C ILE B 7 -2.84 -28.47 -0.87
N MET B 8 -1.71 -27.94 -0.42
CA MET B 8 -1.46 -26.49 -0.38
C MET B 8 -1.21 -26.03 -1.82
N VAL B 9 -1.78 -24.89 -2.20
CA VAL B 9 -1.61 -24.38 -3.56
C VAL B 9 -1.41 -22.90 -3.47
N GLY B 10 -0.37 -22.39 -4.12
CA GLY B 10 -0.17 -20.97 -4.11
C GLY B 10 1.23 -20.47 -4.35
N LEU B 11 1.33 -19.22 -4.76
CA LEU B 11 2.63 -18.60 -4.99
C LEU B 11 3.38 -18.51 -3.66
N PRO B 12 4.71 -18.34 -3.72
CA PRO B 12 5.54 -18.22 -2.51
C PRO B 12 5.19 -16.96 -1.71
N ALA B 13 5.21 -17.07 -0.38
CA ALA B 13 4.89 -15.99 0.55
C ALA B 13 3.40 -15.71 0.56
N ARG B 14 2.58 -16.77 0.53
CA ARG B 14 1.12 -16.66 0.58
C ARG B 14 0.61 -17.27 1.89
N GLY B 15 1.55 -17.73 2.70
CA GLY B 15 1.22 -18.30 4.00
C GLY B 15 0.84 -19.74 3.97
N LYS B 16 1.38 -20.48 3.00
CA LYS B 16 1.03 -21.86 2.88
C LYS B 16 1.56 -22.66 4.03
N THR B 17 2.84 -22.47 4.36
CA THR B 17 3.41 -23.21 5.46
C THR B 17 2.80 -22.80 6.80
N TYR B 18 2.40 -21.55 6.92
CA TYR B 18 1.75 -21.08 8.14
C TYR B 18 0.42 -21.81 8.32
N ILE B 19 -0.36 -21.87 7.25
CA ILE B 19 -1.63 -22.55 7.28
C ILE B 19 -1.39 -24.06 7.49
N SER B 20 -0.36 -24.62 6.87
CA SER B 20 -0.04 -26.04 7.01
C SER B 20 0.15 -26.38 8.48
N THR B 21 1.00 -25.58 9.12
CA THR B 21 1.33 -25.72 10.52
C THR B 21 0.12 -25.65 11.43
N LYS B 22 -0.62 -24.55 11.36
CA LYS B 22 -1.80 -24.37 12.22
C LYS B 22 -2.84 -25.45 12.04
N LEU B 23 -3.13 -25.81 10.81
CA LEU B 23 -4.15 -26.81 10.57
C LEU B 23 -3.70 -28.13 11.12
N THR B 24 -2.43 -28.48 10.87
CA THR B 24 -1.90 -29.76 11.32
C THR B 24 -2.08 -29.84 12.82
N ARG B 25 -1.64 -28.81 13.54
CA ARG B 25 -1.83 -28.89 14.99
C ARG B 25 -3.30 -28.98 15.39
N TYR B 26 -4.13 -28.09 14.85
CA TYR B 26 -5.53 -28.13 15.17
C TYR B 26 -6.06 -29.57 15.06
N LEU B 27 -5.92 -30.14 13.88
CA LEU B 27 -6.41 -31.48 13.61
C LEU B 27 -5.88 -32.49 14.59
N ASN B 28 -4.57 -32.43 14.83
CA ASN B 28 -3.97 -33.36 15.75
C ASN B 28 -4.64 -33.18 17.09
N PHE B 29 -4.77 -31.93 17.49
CA PHE B 29 -5.39 -31.64 18.76
C PHE B 29 -6.78 -32.25 18.85
N ILE B 30 -7.57 -32.23 17.79
CA ILE B 30 -8.90 -32.80 17.90
C ILE B 30 -8.99 -34.29 17.59
N GLY B 31 -7.84 -34.96 17.64
CA GLY B 31 -7.83 -36.39 17.42
C GLY B 31 -7.64 -36.92 16.03
N THR B 32 -7.15 -36.08 15.13
CA THR B 32 -6.87 -36.53 13.77
C THR B 32 -5.38 -36.44 13.48
N PRO B 33 -4.67 -37.59 13.53
CA PRO B 33 -3.23 -37.69 13.28
C PRO B 33 -2.85 -37.09 11.94
N THR B 34 -2.26 -35.91 11.99
CA THR B 34 -1.88 -35.20 10.78
C THR B 34 -0.40 -34.88 10.78
N LYS B 35 0.21 -34.91 9.61
CA LYS B 35 1.63 -34.58 9.51
C LYS B 35 1.85 -33.72 8.27
N VAL B 36 2.81 -32.81 8.34
CA VAL B 36 3.11 -31.93 7.22
C VAL B 36 4.32 -32.40 6.45
N PHE B 37 4.23 -32.26 5.12
CA PHE B 37 5.30 -32.63 4.23
C PHE B 37 5.63 -31.38 3.46
N ASN B 38 6.69 -30.72 3.89
CA ASN B 38 7.12 -29.48 3.32
C ASN B 38 8.17 -29.75 2.27
N LEU B 39 7.90 -29.38 1.02
CA LEU B 39 8.87 -29.63 -0.02
C LEU B 39 10.12 -28.79 0.15
N GLY B 40 9.95 -27.52 0.52
CA GLY B 40 11.09 -26.66 0.73
C GLY B 40 12.10 -27.38 1.60
N GLN B 41 11.60 -28.16 2.56
CA GLN B 41 12.47 -28.93 3.44
C GLN B 41 13.28 -29.89 2.57
N TYR B 42 12.57 -30.78 1.88
CA TYR B 42 13.25 -31.75 1.02
C TYR B 42 14.32 -31.10 0.17
N ARG B 43 13.94 -30.03 -0.51
CA ARG B 43 14.88 -29.34 -1.35
C ARG B 43 16.21 -29.06 -0.69
N ARG B 44 16.18 -28.50 0.51
CA ARG B 44 17.41 -28.16 1.18
C ARG B 44 18.23 -29.38 1.56
N GLU B 45 17.58 -30.54 1.62
CA GLU B 45 18.28 -31.78 1.90
C GLU B 45 18.87 -32.26 0.57
N ALA B 46 18.70 -31.46 -0.47
CA ALA B 46 19.21 -31.79 -1.78
C ALA B 46 20.29 -30.73 -2.00
N VAL B 47 19.93 -29.53 -2.42
CA VAL B 47 20.97 -28.52 -2.63
C VAL B 47 21.10 -27.38 -1.59
N SER B 48 22.05 -26.48 -1.86
CA SER B 48 22.36 -25.33 -1.00
C SER B 48 21.75 -24.09 -1.62
N TYR B 49 21.53 -23.04 -0.83
CA TYR B 49 20.88 -21.87 -1.42
C TYR B 49 21.22 -20.39 -1.15
N LYS B 50 21.06 -19.65 -2.25
CA LYS B 50 21.18 -18.18 -2.47
C LYS B 50 21.35 -18.12 -3.98
N ASN B 51 20.23 -18.05 -4.71
CA ASN B 51 20.21 -18.05 -6.17
C ASN B 51 18.76 -18.21 -6.59
N TYR B 52 18.12 -17.14 -7.07
CA TYR B 52 16.71 -17.26 -7.47
C TYR B 52 16.62 -18.24 -8.62
N GLU B 53 17.65 -18.17 -9.45
CA GLU B 53 17.81 -18.98 -10.66
C GLU B 53 17.64 -20.49 -10.52
N PHE B 54 17.51 -20.99 -9.30
CA PHE B 54 17.33 -22.43 -9.17
C PHE B 54 15.89 -22.70 -9.62
N PHE B 55 15.09 -21.65 -9.52
CA PHE B 55 13.67 -21.70 -9.82
C PHE B 55 13.30 -21.25 -11.22
N LEU B 56 14.32 -20.93 -12.01
CA LEU B 56 14.13 -20.50 -13.40
C LEU B 56 13.53 -21.64 -14.23
N PRO B 57 12.50 -21.34 -15.05
CA PRO B 57 11.83 -22.32 -15.90
C PRO B 57 12.77 -23.08 -16.83
N ASP B 58 13.80 -22.39 -17.32
CA ASP B 58 14.76 -23.01 -18.22
C ASP B 58 15.63 -24.02 -17.49
N ASN B 59 15.71 -23.88 -16.16
CA ASN B 59 16.54 -24.76 -15.34
C ASN B 59 16.04 -26.17 -15.19
N MET B 60 16.19 -26.95 -16.26
CA MET B 60 15.74 -28.34 -16.29
C MET B 60 16.49 -29.16 -15.24
N GLU B 61 17.75 -28.83 -15.01
CA GLU B 61 18.50 -29.54 -14.00
C GLU B 61 17.82 -29.40 -12.65
N ALA B 62 17.44 -28.16 -12.34
CA ALA B 62 16.77 -27.84 -11.07
C ALA B 62 15.44 -28.57 -10.95
N LEU B 63 14.69 -28.56 -12.05
CA LEU B 63 13.39 -29.21 -12.12
C LEU B 63 13.42 -30.69 -11.78
N GLN B 64 14.53 -31.37 -12.07
CA GLN B 64 14.59 -32.79 -11.76
C GLN B 64 14.63 -32.95 -10.25
N ILE B 65 15.52 -32.17 -9.64
CA ILE B 65 15.67 -32.19 -8.19
C ILE B 65 14.26 -32.05 -7.62
N ARG B 66 13.66 -30.89 -7.88
CA ARG B 66 12.32 -30.62 -7.41
C ARG B 66 11.34 -31.74 -7.70
N LYS B 67 11.54 -32.42 -8.83
CA LYS B 67 10.67 -33.53 -9.24
C LYS B 67 10.91 -34.76 -8.39
N GLN B 68 12.17 -34.97 -8.03
CA GLN B 68 12.58 -36.12 -7.21
C GLN B 68 12.18 -35.86 -5.76
N CYS B 69 12.21 -34.58 -5.37
CA CYS B 69 11.82 -34.14 -4.03
C CYS B 69 10.34 -34.40 -3.84
N ALA B 70 9.56 -34.01 -4.84
CA ALA B 70 8.14 -34.22 -4.80
C ALA B 70 7.81 -35.71 -4.63
N LEU B 71 8.53 -36.58 -5.35
CA LEU B 71 8.27 -38.02 -5.26
C LEU B 71 8.76 -38.61 -3.98
N ALA B 72 9.88 -38.08 -3.47
CA ALA B 72 10.42 -38.54 -2.20
C ALA B 72 9.28 -38.28 -1.22
N ALA B 73 8.88 -37.02 -1.13
CA ALA B 73 7.78 -36.58 -0.26
C ALA B 73 6.55 -37.47 -0.41
N LEU B 74 6.20 -37.85 -1.64
CA LEU B 74 5.03 -38.71 -1.82
C LEU B 74 5.27 -40.08 -1.24
N LYS B 75 6.50 -40.55 -1.33
CA LYS B 75 6.85 -41.87 -0.79
C LYS B 75 6.44 -41.83 0.67
N ASP B 76 6.97 -40.82 1.35
CA ASP B 76 6.71 -40.61 2.76
C ASP B 76 5.24 -40.45 3.07
N VAL B 77 4.54 -39.71 2.23
CA VAL B 77 3.11 -39.52 2.43
C VAL B 77 2.41 -40.86 2.44
N HIS B 78 2.80 -41.73 1.50
CA HIS B 78 2.20 -43.04 1.40
C HIS B 78 2.45 -43.90 2.63
N ASN B 79 3.71 -44.03 3.02
CA ASN B 79 3.97 -44.89 4.15
C ASN B 79 3.47 -44.30 5.45
N TYR B 80 3.25 -42.99 5.47
CA TYR B 80 2.70 -42.30 6.65
C TYR B 80 1.21 -42.64 6.79
N LEU B 81 0.48 -42.61 5.68
CA LEU B 81 -0.96 -42.88 5.70
C LEU B 81 -1.30 -44.35 5.50
N SER B 82 -0.38 -45.08 4.86
CA SER B 82 -0.61 -46.48 4.56
C SER B 82 0.07 -47.46 5.50
N HIS B 83 1.19 -47.09 6.09
CA HIS B 83 1.85 -48.02 7.00
C HIS B 83 1.93 -47.50 8.45
N GLU B 84 2.11 -46.19 8.61
CA GLU B 84 2.23 -45.60 9.92
C GLU B 84 0.91 -45.19 10.56
N GLU B 85 -0.21 -45.40 9.87
CA GLU B 85 -1.53 -45.05 10.41
C GLU B 85 -1.88 -43.57 10.56
N GLY B 86 -1.31 -42.72 9.70
CA GLY B 86 -1.65 -41.31 9.74
C GLY B 86 -3.06 -41.17 9.17
N HIS B 87 -3.70 -40.04 9.44
CA HIS B 87 -5.05 -39.81 8.95
C HIS B 87 -5.08 -38.76 7.85
N VAL B 88 -4.21 -37.76 7.98
CA VAL B 88 -4.16 -36.66 7.03
C VAL B 88 -2.71 -36.27 6.78
N ALA B 89 -2.34 -36.19 5.52
CA ALA B 89 -1.00 -35.79 5.17
C ALA B 89 -1.20 -34.51 4.42
N VAL B 90 -0.54 -33.47 4.88
CA VAL B 90 -0.66 -32.18 4.25
C VAL B 90 0.54 -31.99 3.34
N PHE B 91 0.25 -31.82 2.04
CA PHE B 91 1.29 -31.62 1.03
C PHE B 91 1.57 -30.13 0.88
N ASP B 92 2.62 -29.66 1.54
CA ASP B 92 3.00 -28.23 1.51
C ASP B 92 4.01 -27.88 0.44
N ALA B 93 3.52 -27.30 -0.65
CA ALA B 93 4.36 -26.89 -1.78
C ALA B 93 3.52 -25.94 -2.63
N THR B 94 4.11 -25.26 -3.61
CA THR B 94 3.32 -24.35 -4.42
C THR B 94 2.20 -25.06 -5.20
N ASN B 95 2.52 -26.21 -5.78
CA ASN B 95 1.58 -27.01 -6.58
C ASN B 95 0.75 -26.09 -7.48
N THR B 96 1.44 -25.19 -8.14
CA THR B 96 0.82 -24.18 -8.99
C THR B 96 0.37 -24.59 -10.41
N THR B 97 0.76 -25.78 -10.85
CA THR B 97 0.43 -26.28 -12.17
C THR B 97 -0.59 -27.41 -12.15
N ARG B 98 -1.53 -27.39 -13.11
CA ARG B 98 -2.56 -28.44 -13.19
C ARG B 98 -1.81 -29.76 -13.27
N GLU B 99 -0.68 -29.72 -13.93
CA GLU B 99 0.16 -30.88 -14.14
C GLU B 99 0.52 -31.50 -12.80
N ARG B 100 1.19 -30.70 -11.98
CA ARG B 100 1.61 -31.17 -10.68
C ARG B 100 0.47 -31.78 -9.86
N ARG B 101 -0.66 -31.09 -9.79
CA ARG B 101 -1.83 -31.59 -9.06
C ARG B 101 -2.31 -32.93 -9.57
N SER B 102 -2.25 -33.11 -10.89
CA SER B 102 -2.67 -34.38 -11.51
C SER B 102 -1.81 -35.51 -11.01
N LEU B 103 -0.50 -35.23 -10.93
CA LEU B 103 0.50 -36.19 -10.43
C LEU B 103 0.00 -36.67 -9.08
N ILE B 104 -0.39 -35.68 -8.27
CA ILE B 104 -0.91 -35.89 -6.93
C ILE B 104 -2.24 -36.64 -6.93
N LEU B 105 -3.22 -36.13 -7.69
CA LEU B 105 -4.53 -36.78 -7.75
C LEU B 105 -4.36 -38.23 -8.18
N GLN B 106 -3.31 -38.43 -8.96
CA GLN B 106 -2.99 -39.73 -9.49
C GLN B 106 -2.56 -40.65 -8.36
N PHE B 107 -1.49 -40.22 -7.71
CA PHE B 107 -0.92 -40.92 -6.59
C PHE B 107 -2.06 -41.21 -5.65
N ALA B 108 -2.85 -40.18 -5.37
CA ALA B 108 -3.99 -40.33 -4.48
C ALA B 108 -4.88 -41.46 -4.98
N LYS B 109 -5.33 -41.35 -6.24
CA LYS B 109 -6.21 -42.36 -6.81
C LYS B 109 -5.62 -43.75 -6.61
N GLU B 110 -4.34 -43.91 -6.94
CA GLU B 110 -3.66 -45.19 -6.79
C GLU B 110 -3.77 -45.76 -5.39
N HIS B 111 -3.44 -44.94 -4.40
CA HIS B 111 -3.49 -45.40 -3.02
C HIS B 111 -4.80 -45.25 -2.30
N GLY B 112 -5.82 -44.71 -2.97
CA GLY B 112 -7.12 -44.55 -2.31
C GLY B 112 -7.21 -43.52 -1.19
N TYR B 113 -6.60 -42.37 -1.42
CA TYR B 113 -6.62 -41.26 -0.47
C TYR B 113 -7.53 -40.18 -1.06
N LYS B 114 -8.35 -39.58 -0.21
CA LYS B 114 -9.20 -38.49 -0.64
C LYS B 114 -8.30 -37.27 -0.74
N VAL B 115 -8.73 -36.26 -1.49
CA VAL B 115 -7.92 -35.06 -1.67
C VAL B 115 -8.73 -33.77 -1.55
N PHE B 116 -8.13 -32.80 -0.85
CA PHE B 116 -8.72 -31.51 -0.60
C PHE B 116 -7.63 -30.47 -0.79
N PHE B 117 -7.94 -29.39 -1.50
CA PHE B 117 -6.96 -28.33 -1.80
C PHE B 117 -7.21 -27.06 -1.06
N ILE B 118 -6.13 -26.39 -0.67
CA ILE B 118 -6.23 -25.12 -0.01
C ILE B 118 -5.39 -24.19 -0.85
N GLU B 119 -6.05 -23.21 -1.51
CA GLU B 119 -5.34 -22.25 -2.34
C GLU B 119 -5.36 -20.88 -1.72
N SER B 120 -4.18 -20.40 -1.39
CA SER B 120 -4.04 -19.09 -0.79
C SER B 120 -3.73 -18.13 -1.89
N ILE B 121 -4.66 -17.22 -2.14
CA ILE B 121 -4.51 -16.22 -3.18
C ILE B 121 -4.45 -14.82 -2.59
N CYS B 122 -3.36 -14.12 -2.84
CA CYS B 122 -3.23 -12.75 -2.37
C CYS B 122 -2.40 -11.90 -3.34
N ASN B 123 -3.01 -10.83 -3.81
CA ASN B 123 -2.35 -9.91 -4.73
C ASN B 123 -2.25 -8.48 -4.15
N ASP B 124 -1.66 -8.37 -2.97
CA ASP B 124 -1.49 -7.08 -2.36
C ASP B 124 -0.03 -7.05 -2.11
N PRO B 125 0.68 -6.17 -2.83
CA PRO B 125 2.14 -6.05 -2.68
C PRO B 125 2.49 -5.82 -1.21
N GLY B 126 1.62 -5.09 -0.54
CA GLY B 126 1.87 -4.81 0.86
C GLY B 126 1.92 -6.12 1.64
N ILE B 127 0.82 -6.86 1.59
CA ILE B 127 0.76 -8.11 2.31
C ILE B 127 1.97 -8.99 2.01
N ILE B 128 2.32 -9.14 0.74
CA ILE B 128 3.46 -10.00 0.41
C ILE B 128 4.77 -9.46 0.90
N ALA B 129 4.95 -8.15 0.86
CA ALA B 129 6.18 -7.53 1.33
C ALA B 129 6.40 -7.91 2.79
N GLU B 130 5.41 -7.63 3.64
CA GLU B 130 5.50 -7.97 5.04
C GLU B 130 5.81 -9.45 5.19
N ASN B 131 5.13 -10.32 4.44
CA ASN B 131 5.40 -11.76 4.58
C ASN B 131 6.86 -12.07 4.38
N ILE B 132 7.48 -11.48 3.37
CA ILE B 132 8.90 -11.73 3.14
C ILE B 132 9.71 -11.18 4.30
N ARG B 133 9.37 -9.95 4.72
CA ARG B 133 10.04 -9.32 5.84
C ARG B 133 9.93 -10.30 7.00
N GLN B 134 8.69 -10.52 7.41
CA GLN B 134 8.35 -11.41 8.51
C GLN B 134 8.99 -12.79 8.50
N VAL B 135 8.83 -13.57 7.44
CA VAL B 135 9.39 -14.93 7.43
C VAL B 135 10.52 -15.31 6.50
N LYS B 136 10.70 -14.58 5.41
CA LYS B 136 11.73 -14.97 4.47
C LYS B 136 13.12 -14.43 4.75
N LEU B 137 13.22 -13.25 5.38
CA LEU B 137 14.52 -12.67 5.71
C LEU B 137 15.33 -13.65 6.54
N GLY B 138 14.63 -14.44 7.36
CA GLY B 138 15.31 -15.41 8.18
C GLY B 138 15.13 -16.88 7.79
N SER B 139 14.82 -17.12 6.52
CA SER B 139 14.64 -18.50 6.05
C SER B 139 16.03 -19.12 6.02
N PRO B 140 16.12 -20.47 6.17
CA PRO B 140 17.43 -21.12 6.14
C PRO B 140 18.25 -20.74 4.88
N ASP B 141 17.61 -20.71 3.69
CA ASP B 141 18.32 -20.34 2.45
C ASP B 141 19.10 -19.06 2.64
N TYR B 142 18.37 -17.97 2.79
CA TYR B 142 18.98 -16.68 2.99
C TYR B 142 19.44 -16.54 4.41
N ILE B 143 20.56 -17.17 4.75
CA ILE B 143 21.10 -17.06 6.10
C ILE B 143 21.62 -15.63 6.08
N ASP B 144 22.61 -15.30 6.91
CA ASP B 144 23.09 -13.94 6.84
C ASP B 144 23.44 -13.64 5.39
N CYS B 145 22.61 -12.79 4.82
CA CYS B 145 22.74 -12.33 3.43
C CYS B 145 22.50 -10.85 3.64
N ASP B 146 22.49 -10.11 2.51
CA ASP B 146 22.46 -8.68 2.54
C ASP B 146 21.19 -7.87 2.52
N ARG B 147 21.38 -6.66 2.00
CA ARG B 147 20.38 -5.66 1.88
C ARG B 147 19.11 -6.21 1.19
N GLU B 148 18.63 -5.52 0.20
CA GLU B 148 17.40 -5.96 -0.47
C GLU B 148 17.71 -7.28 -1.13
N LYS B 149 19.00 -7.65 -1.20
CA LYS B 149 19.42 -8.91 -1.83
C LYS B 149 18.38 -9.99 -1.62
N VAL B 150 17.99 -10.17 -0.36
CA VAL B 150 17.01 -11.18 -0.04
C VAL B 150 15.72 -10.92 -0.79
N LEU B 151 15.17 -9.72 -0.64
CA LEU B 151 13.93 -9.34 -1.31
C LEU B 151 14.06 -9.60 -2.81
N GLU B 152 15.09 -8.99 -3.40
CA GLU B 152 15.38 -9.12 -4.82
C GLU B 152 15.25 -10.58 -5.23
N ASP B 153 16.06 -11.44 -4.62
CA ASP B 153 16.03 -12.85 -4.94
C ASP B 153 14.66 -13.48 -4.75
N PHE B 154 13.90 -12.97 -3.78
CA PHE B 154 12.59 -13.54 -3.52
C PHE B 154 11.55 -13.03 -4.49
N LEU B 155 11.49 -11.74 -4.71
CA LEU B 155 10.50 -11.28 -5.65
C LEU B 155 10.72 -12.05 -6.94
N LYS B 156 11.99 -12.19 -7.34
CA LYS B 156 12.36 -12.92 -8.54
C LYS B 156 11.87 -14.38 -8.42
N ARG B 157 12.16 -14.99 -7.28
CA ARG B 157 11.75 -16.36 -7.02
C ARG B 157 10.25 -16.47 -7.31
N ILE B 158 9.47 -15.54 -6.79
CA ILE B 158 8.03 -15.57 -7.02
C ILE B 158 7.74 -15.51 -8.49
N GLU B 159 8.34 -14.52 -9.15
CA GLU B 159 8.16 -14.32 -10.58
C GLU B 159 8.28 -15.63 -11.33
N CYS B 160 9.36 -16.36 -11.11
CA CYS B 160 9.58 -17.64 -11.76
C CYS B 160 8.28 -18.44 -11.76
N TYR B 161 7.69 -18.51 -10.57
CA TYR B 161 6.46 -19.25 -10.35
C TYR B 161 5.21 -18.64 -10.97
N GLU B 162 5.15 -17.30 -11.04
CA GLU B 162 4.01 -16.58 -11.62
C GLU B 162 3.81 -16.97 -13.09
N VAL B 163 4.90 -17.32 -13.75
CA VAL B 163 4.92 -17.71 -15.15
C VAL B 163 3.88 -18.76 -15.51
N ASN B 164 4.01 -19.95 -14.94
CA ASN B 164 3.08 -21.05 -15.24
C ASN B 164 1.99 -21.29 -14.20
N TYR B 165 1.65 -20.26 -13.44
CA TYR B 165 0.67 -20.42 -12.37
C TYR B 165 -0.77 -20.66 -12.88
N GLN B 166 -1.32 -21.81 -12.52
CA GLN B 166 -2.66 -22.13 -12.94
C GLN B 166 -3.55 -22.36 -11.75
N PRO B 167 -4.18 -21.29 -11.27
CA PRO B 167 -5.10 -21.31 -10.12
C PRO B 167 -6.18 -22.37 -10.34
N LEU B 168 -6.87 -22.77 -9.27
CA LEU B 168 -7.92 -23.75 -9.41
C LEU B 168 -8.99 -23.03 -10.21
N ASP B 169 -9.54 -23.73 -11.20
CA ASP B 169 -10.52 -23.17 -12.12
C ASP B 169 -11.91 -23.60 -11.73
N GLU B 170 -12.85 -22.66 -11.63
CA GLU B 170 -14.18 -23.07 -11.23
C GLU B 170 -14.83 -23.98 -12.25
N GLU B 171 -14.33 -23.99 -13.48
CA GLU B 171 -14.93 -24.86 -14.49
C GLU B 171 -14.12 -26.14 -14.62
N LEU B 172 -12.85 -25.96 -14.96
CA LEU B 172 -11.96 -27.10 -15.14
C LEU B 172 -11.74 -27.92 -13.88
N ASP B 173 -11.86 -27.28 -12.71
CA ASP B 173 -11.66 -27.99 -11.46
C ASP B 173 -12.97 -28.25 -10.69
N SER B 174 -14.09 -27.98 -11.34
CA SER B 174 -15.44 -28.18 -10.80
C SER B 174 -15.59 -29.46 -9.93
N HIS B 175 -15.01 -30.54 -10.42
CA HIS B 175 -15.09 -31.82 -9.71
C HIS B 175 -14.25 -31.89 -8.43
N LEU B 176 -13.16 -31.14 -8.35
CA LEU B 176 -12.30 -31.18 -7.17
C LEU B 176 -12.89 -30.58 -5.89
N SER B 177 -12.41 -31.02 -4.74
CA SER B 177 -12.87 -30.49 -3.46
C SER B 177 -11.79 -29.54 -2.99
N TYR B 178 -12.17 -28.30 -2.70
CA TYR B 178 -11.18 -27.32 -2.28
C TYR B 178 -11.80 -26.08 -1.66
N ILE B 179 -10.91 -25.20 -1.18
CA ILE B 179 -11.26 -23.92 -0.62
C ILE B 179 -10.23 -22.93 -1.08
N LYS B 180 -10.70 -21.82 -1.64
CA LYS B 180 -9.83 -20.75 -2.10
C LYS B 180 -9.95 -19.67 -1.04
N ILE B 181 -8.80 -19.23 -0.51
CA ILE B 181 -8.75 -18.18 0.51
C ILE B 181 -8.22 -16.93 -0.17
N PHE B 182 -9.02 -15.86 -0.14
CA PHE B 182 -8.63 -14.61 -0.79
C PHE B 182 -8.30 -13.51 0.16
N ASP B 183 -7.19 -12.83 -0.09
CA ASP B 183 -6.80 -11.68 0.70
C ASP B 183 -6.86 -11.92 2.17
N VAL B 184 -5.99 -12.83 2.59
CA VAL B 184 -5.86 -13.20 3.98
C VAL B 184 -7.20 -13.38 4.66
N GLY B 185 -8.08 -14.16 4.05
CA GLY B 185 -9.35 -14.44 4.66
C GLY B 185 -10.51 -13.49 4.48
N THR B 186 -10.44 -12.56 3.53
CA THR B 186 -11.56 -11.66 3.36
C THR B 186 -12.74 -12.32 2.66
N ARG B 187 -12.43 -13.15 1.66
CA ARG B 187 -13.40 -13.83 0.82
C ARG B 187 -12.96 -15.25 0.72
N TYR B 188 -13.92 -16.17 0.57
CA TYR B 188 -13.55 -17.58 0.41
C TYR B 188 -14.47 -18.26 -0.57
N MET B 189 -13.94 -19.23 -1.29
CA MET B 189 -14.81 -20.01 -2.14
C MET B 189 -14.60 -21.48 -1.82
N VAL B 190 -15.70 -22.16 -1.52
CA VAL B 190 -15.63 -23.56 -1.13
C VAL B 190 -16.38 -24.42 -2.09
N ASN B 191 -15.67 -25.42 -2.57
CA ASN B 191 -16.23 -26.35 -3.51
C ASN B 191 -16.12 -27.81 -3.12
N ARG B 192 -17.29 -28.43 -3.13
CA ARG B 192 -17.44 -29.87 -2.88
C ARG B 192 -16.88 -30.47 -1.60
N VAL B 193 -17.22 -29.91 -0.44
CA VAL B 193 -16.77 -30.49 0.82
C VAL B 193 -17.42 -31.87 0.86
N GLN B 194 -16.57 -32.89 0.93
CA GLN B 194 -17.02 -34.28 0.93
C GLN B 194 -17.48 -34.83 2.25
N ASP B 195 -16.66 -34.68 3.26
CA ASP B 195 -16.94 -35.29 4.54
C ASP B 195 -16.66 -34.42 5.77
N HIS B 196 -16.74 -35.09 6.92
CA HIS B 196 -16.52 -34.46 8.23
C HIS B 196 -15.21 -33.70 8.25
N ILE B 197 -14.10 -34.42 8.10
CA ILE B 197 -12.79 -33.81 8.12
C ILE B 197 -12.72 -32.55 7.25
N GLN B 198 -13.36 -32.59 6.09
CA GLN B 198 -13.35 -31.43 5.22
C GLN B 198 -14.24 -30.33 5.73
N SER B 199 -15.43 -30.69 6.21
CA SER B 199 -16.33 -29.68 6.76
C SER B 199 -15.61 -29.01 7.92
N ARG B 200 -14.85 -29.80 8.65
CA ARG B 200 -14.08 -29.32 9.77
C ARG B 200 -13.01 -28.34 9.42
N THR B 201 -12.19 -28.74 8.46
CA THR B 201 -11.07 -27.93 8.00
C THR B 201 -11.51 -26.60 7.50
N VAL B 202 -12.60 -26.61 6.76
CA VAL B 202 -13.13 -25.39 6.22
C VAL B 202 -13.55 -24.43 7.34
N TYR B 203 -14.48 -24.85 8.21
CA TYR B 203 -14.95 -24.01 9.31
C TYR B 203 -13.74 -23.37 10.01
N TYR B 204 -12.78 -24.19 10.34
CA TYR B 204 -11.56 -23.73 10.99
C TYR B 204 -10.88 -22.64 10.20
N LEU B 205 -10.62 -22.94 8.93
CA LEU B 205 -9.94 -22.01 8.05
C LEU B 205 -10.66 -20.67 7.92
N MET B 206 -11.99 -20.69 7.85
CA MET B 206 -12.73 -19.46 7.74
C MET B 206 -12.87 -18.79 9.10
N ASN B 207 -12.14 -19.23 10.11
CA ASN B 207 -12.28 -18.58 11.39
C ASN B 207 -10.99 -18.17 12.04
N ILE B 208 -9.88 -18.41 11.37
CA ILE B 208 -8.58 -18.01 11.92
C ILE B 208 -8.13 -16.73 11.22
N HIS B 209 -7.15 -16.04 11.75
CA HIS B 209 -6.77 -14.79 11.10
C HIS B 209 -5.29 -14.51 11.39
N VAL B 210 -4.77 -13.38 10.94
CA VAL B 210 -3.37 -13.12 11.22
C VAL B 210 -3.12 -11.78 11.87
N THR B 211 -4.11 -11.29 12.60
CA THR B 211 -3.99 -10.03 13.29
C THR B 211 -3.19 -10.24 14.55
N PRO B 212 -2.07 -9.54 14.70
CA PRO B 212 -1.25 -9.68 15.90
C PRO B 212 -2.07 -9.36 17.17
N ARG B 213 -1.92 -10.21 18.17
CA ARG B 213 -2.62 -10.02 19.43
C ARG B 213 -1.99 -10.92 20.45
N SER B 214 -2.46 -10.85 21.68
CA SER B 214 -1.96 -11.72 22.73
C SER B 214 -3.09 -12.46 23.45
N ILE B 215 -2.77 -13.66 23.92
CA ILE B 215 -3.72 -14.48 24.66
C ILE B 215 -3.12 -14.72 26.03
N TYR B 216 -3.84 -14.25 27.05
CA TYR B 216 -3.43 -14.38 28.43
C TYR B 216 -4.25 -15.48 29.07
N LEU B 217 -3.57 -16.49 29.60
CA LEU B 217 -4.24 -17.61 30.26
C LEU B 217 -3.81 -17.63 31.72
N CYS B 218 -4.79 -17.83 32.60
CA CYS B 218 -4.52 -17.92 34.01
C CYS B 218 -5.69 -18.62 34.69
N ARG B 219 -5.44 -19.06 35.90
CA ARG B 219 -6.45 -19.73 36.67
C ARG B 219 -7.08 -18.65 37.51
N HIS B 220 -8.19 -19.02 38.14
CA HIS B 220 -8.92 -18.17 39.09
C HIS B 220 -7.92 -17.98 40.26
N GLY B 221 -8.17 -17.02 41.15
CA GLY B 221 -7.28 -16.87 42.28
C GLY B 221 -7.42 -18.09 43.19
N GLU B 222 -6.44 -18.31 44.06
CA GLU B 222 -6.47 -19.46 44.96
C GLU B 222 -7.85 -19.62 45.62
N SER B 223 -8.40 -20.83 45.59
CA SER B 223 -9.72 -21.10 46.16
C SER B 223 -9.67 -21.80 47.51
N GLU B 224 -10.80 -21.79 48.22
CA GLU B 224 -10.86 -22.44 49.52
C GLU B 224 -10.55 -23.93 49.43
N LEU B 225 -11.01 -24.59 48.39
CA LEU B 225 -10.71 -26.02 48.25
C LEU B 225 -9.25 -26.16 47.82
N ASN B 226 -8.70 -25.10 47.26
CA ASN B 226 -7.30 -25.15 46.84
C ASN B 226 -6.43 -25.22 48.08
N ILE B 227 -6.77 -24.36 49.02
CA ILE B 227 -6.05 -24.27 50.25
C ILE B 227 -6.13 -25.57 51.07
N ARG B 228 -7.23 -26.30 50.91
CA ARG B 228 -7.41 -27.55 51.64
C ARG B 228 -6.90 -28.79 50.91
N GLY B 229 -6.27 -28.61 49.74
CA GLY B 229 -5.77 -29.74 48.98
C GLY B 229 -6.87 -30.66 48.42
N ARG B 230 -8.04 -30.10 48.13
CA ARG B 230 -9.13 -30.91 47.60
C ARG B 230 -9.40 -30.53 46.13
N ILE B 231 -9.61 -31.52 45.29
CA ILE B 231 -9.84 -31.29 43.86
C ILE B 231 -11.28 -31.06 43.47
N GLY B 232 -11.47 -30.27 42.43
CA GLY B 232 -12.80 -30.01 41.92
C GLY B 232 -13.65 -29.16 42.82
N GLY B 233 -14.96 -29.37 42.69
CA GLY B 233 -15.92 -28.62 43.49
C GLY B 233 -16.12 -27.21 42.97
N ASP B 234 -16.89 -26.42 43.69
CA ASP B 234 -17.14 -25.04 43.29
C ASP B 234 -16.93 -24.05 44.45
N SER B 235 -15.75 -24.11 45.07
CA SER B 235 -15.45 -23.23 46.19
C SER B 235 -15.15 -21.80 45.72
N GLY B 236 -15.17 -20.85 46.64
CA GLY B 236 -14.89 -19.48 46.25
C GLY B 236 -13.42 -19.20 46.48
N LEU B 237 -13.04 -17.95 46.23
CA LEU B 237 -11.66 -17.51 46.39
C LEU B 237 -11.24 -17.40 47.85
N SER B 238 -9.97 -17.64 48.10
CA SER B 238 -9.45 -17.49 49.44
C SER B 238 -9.13 -16.00 49.55
N VAL B 239 -8.54 -15.58 50.67
CA VAL B 239 -8.17 -14.16 50.81
C VAL B 239 -7.08 -13.89 49.78
N ARG B 240 -6.16 -14.84 49.66
CA ARG B 240 -5.06 -14.70 48.73
C ARG B 240 -5.61 -14.69 47.31
N GLY B 241 -6.64 -15.50 47.10
CA GLY B 241 -7.26 -15.58 45.79
C GLY B 241 -7.80 -14.21 45.47
N LYS B 242 -8.45 -13.59 46.45
CA LYS B 242 -9.05 -12.28 46.27
C LYS B 242 -7.99 -11.22 46.08
N GLN B 243 -6.83 -11.41 46.68
CA GLN B 243 -5.77 -10.44 46.51
C GLN B 243 -5.20 -10.56 45.10
N TYR B 244 -5.01 -11.79 44.61
CA TYR B 244 -4.49 -11.99 43.25
C TYR B 244 -5.47 -11.40 42.20
N ALA B 245 -6.77 -11.59 42.39
CA ALA B 245 -7.73 -11.05 41.44
C ALA B 245 -7.41 -9.57 41.09
N TYR B 246 -7.02 -8.80 42.12
CA TYR B 246 -6.69 -7.39 41.94
C TYR B 246 -5.26 -7.15 41.48
N ALA B 247 -4.34 -8.08 41.75
CA ALA B 247 -2.97 -7.94 41.28
C ALA B 247 -3.02 -8.15 39.77
N LEU B 248 -3.91 -9.08 39.38
CA LEU B 248 -4.14 -9.45 37.99
C LEU B 248 -4.69 -8.24 37.26
N ALA B 249 -5.76 -7.64 37.78
CA ALA B 249 -6.34 -6.46 37.16
C ALA B 249 -5.28 -5.38 37.02
N ASN B 250 -4.40 -5.28 38.01
CA ASN B 250 -3.33 -4.29 37.99
C ASN B 250 -2.41 -4.57 36.80
N PHE B 251 -2.07 -5.85 36.65
CA PHE B 251 -1.20 -6.31 35.58
C PHE B 251 -1.83 -6.05 34.23
N ILE B 252 -3.07 -6.51 34.08
CA ILE B 252 -3.81 -6.34 32.87
C ILE B 252 -3.79 -4.85 32.50
N GLN B 253 -4.09 -3.96 33.45
CA GLN B 253 -4.07 -2.54 33.13
C GLN B 253 -2.69 -2.09 32.70
N SER B 254 -1.66 -2.66 33.32
CA SER B 254 -0.30 -2.29 32.98
C SER B 254 0.09 -2.72 31.56
N GLN B 255 -0.61 -3.71 31.02
CA GLN B 255 -0.27 -4.17 29.67
C GLN B 255 -0.77 -3.23 28.59
N GLY B 256 -1.72 -2.37 28.94
CA GLY B 256 -2.25 -1.43 27.96
C GLY B 256 -2.76 -2.14 26.72
N ILE B 257 -3.64 -3.11 26.95
CA ILE B 257 -4.24 -3.93 25.92
C ILE B 257 -5.41 -3.23 25.22
N SER B 258 -5.47 -3.33 23.89
CA SER B 258 -6.59 -2.74 23.17
C SER B 258 -7.74 -3.74 23.25
N SER B 259 -8.94 -3.23 23.44
CA SER B 259 -10.16 -4.03 23.59
C SER B 259 -9.89 -5.47 23.97
N LEU B 260 -9.75 -5.71 25.27
CA LEU B 260 -9.47 -7.04 25.76
C LEU B 260 -10.79 -7.72 26.04
N LYS B 261 -10.90 -8.96 25.59
CA LYS B 261 -12.10 -9.76 25.80
C LYS B 261 -11.78 -10.68 26.97
N VAL B 262 -12.76 -10.90 27.84
CA VAL B 262 -12.54 -11.75 28.99
C VAL B 262 -13.54 -12.89 29.05
N PHE B 263 -13.01 -14.11 29.18
CA PHE B 263 -13.78 -15.35 29.31
C PHE B 263 -13.52 -16.03 30.66
N THR B 264 -14.59 -16.55 31.25
CA THR B 264 -14.56 -17.26 32.53
C THR B 264 -15.38 -18.53 32.36
N SER B 265 -15.39 -19.37 33.39
CA SER B 265 -16.19 -20.58 33.39
C SER B 265 -17.48 -20.18 34.07
N ARG B 266 -18.32 -21.15 34.41
CA ARG B 266 -19.56 -20.83 35.12
C ARG B 266 -19.29 -21.06 36.59
N MET B 267 -18.06 -21.46 36.90
CA MET B 267 -17.69 -21.72 38.26
C MET B 267 -17.33 -20.46 39.02
N LYS B 268 -17.82 -20.37 40.24
CA LYS B 268 -17.63 -19.22 41.10
C LYS B 268 -16.24 -18.61 41.18
N ARG B 269 -15.21 -19.43 41.33
CA ARG B 269 -13.85 -18.90 41.45
C ARG B 269 -13.33 -18.09 40.28
N THR B 270 -13.69 -18.50 39.06
CA THR B 270 -13.25 -17.77 37.87
C THR B 270 -14.10 -16.49 37.79
N ILE B 271 -15.40 -16.63 38.04
CA ILE B 271 -16.28 -15.47 37.97
C ILE B 271 -15.83 -14.40 38.94
N GLN B 272 -15.60 -14.78 40.19
CA GLN B 272 -15.13 -13.85 41.22
C GLN B 272 -13.86 -13.14 40.79
N THR B 273 -12.90 -13.89 40.23
CA THR B 273 -11.65 -13.29 39.78
C THR B 273 -11.92 -12.25 38.68
N ALA B 274 -12.89 -12.56 37.81
CA ALA B 274 -13.27 -11.67 36.72
C ALA B 274 -13.83 -10.35 37.22
N GLU B 275 -14.63 -10.44 38.28
CA GLU B 275 -15.23 -9.26 38.88
C GLU B 275 -14.21 -8.20 39.26
N ALA B 276 -13.02 -8.64 39.65
CA ALA B 276 -11.93 -7.74 40.04
C ALA B 276 -11.49 -6.82 38.91
N LEU B 277 -11.76 -7.17 37.66
CA LEU B 277 -11.30 -6.36 36.55
C LEU B 277 -12.14 -5.15 36.24
N GLY B 278 -13.39 -5.17 36.66
CA GLY B 278 -14.26 -4.04 36.40
C GLY B 278 -14.59 -3.84 34.93
N VAL B 279 -14.57 -4.93 34.15
CA VAL B 279 -14.90 -4.87 32.72
C VAL B 279 -15.83 -6.00 32.41
N PRO B 280 -16.66 -5.87 31.36
CA PRO B 280 -17.53 -7.01 31.11
C PRO B 280 -16.70 -8.22 30.72
N TYR B 281 -17.25 -9.40 30.99
CA TYR B 281 -16.59 -10.64 30.63
C TYR B 281 -17.71 -11.61 30.29
N GLU B 282 -17.35 -12.75 29.73
CA GLU B 282 -18.33 -13.75 29.31
C GLU B 282 -18.09 -15.12 29.91
N GLN B 283 -19.15 -15.74 30.40
CA GLN B 283 -19.03 -17.04 31.01
C GLN B 283 -19.30 -18.15 30.03
N PHE B 284 -18.50 -19.19 30.11
CA PHE B 284 -18.64 -20.32 29.22
C PHE B 284 -18.69 -21.59 30.01
N LYS B 285 -19.82 -22.26 29.93
CA LYS B 285 -19.98 -23.49 30.65
C LYS B 285 -18.88 -24.47 30.28
N ALA B 286 -18.38 -24.37 29.06
CA ALA B 286 -17.35 -25.28 28.57
C ALA B 286 -15.97 -25.07 29.15
N LEU B 287 -15.80 -24.00 29.91
CA LEU B 287 -14.51 -23.74 30.53
C LEU B 287 -14.44 -24.28 31.97
N ASN B 288 -15.55 -24.82 32.47
CA ASN B 288 -15.59 -25.38 33.82
C ASN B 288 -14.45 -26.36 33.96
N GLU B 289 -13.97 -26.58 35.17
CA GLU B 289 -12.85 -27.47 35.38
C GLU B 289 -13.26 -28.91 35.07
N ILE B 290 -12.27 -29.72 34.69
CA ILE B 290 -12.50 -31.13 34.40
C ILE B 290 -13.36 -31.68 35.55
N ASP B 291 -14.16 -32.69 35.28
CA ASP B 291 -15.03 -33.25 36.31
C ASP B 291 -14.45 -34.56 36.84
N ALA B 292 -14.19 -34.62 38.15
CA ALA B 292 -13.57 -35.81 38.77
C ALA B 292 -14.52 -36.94 39.18
N GLY B 293 -15.79 -36.83 38.79
CA GLY B 293 -16.76 -37.85 39.11
C GLY B 293 -16.85 -38.13 40.59
N VAL B 294 -16.60 -39.38 40.94
CA VAL B 294 -16.68 -39.79 42.34
C VAL B 294 -15.62 -39.22 43.27
N CYS B 295 -14.54 -38.67 42.70
CA CYS B 295 -13.50 -38.11 43.53
C CYS B 295 -13.65 -36.62 43.64
N GLU B 296 -14.80 -36.12 43.21
CA GLU B 296 -15.06 -34.69 43.26
C GLU B 296 -14.92 -34.26 44.71
N GLU B 297 -14.14 -33.20 44.92
CA GLU B 297 -13.89 -32.64 46.24
C GLU B 297 -12.99 -33.42 47.21
N MET B 298 -12.44 -34.56 46.79
CA MET B 298 -11.57 -35.33 47.70
C MET B 298 -10.16 -34.76 47.74
N THR B 299 -9.34 -35.34 48.60
CA THR B 299 -7.95 -34.96 48.67
C THR B 299 -7.33 -36.19 48.00
N TYR B 300 -6.10 -36.09 47.51
CA TYR B 300 -5.49 -37.23 46.86
C TYR B 300 -5.40 -38.39 47.83
N GLU B 301 -5.28 -38.06 49.11
CA GLU B 301 -5.19 -39.08 50.11
C GLU B 301 -6.50 -39.87 50.14
N GLU B 302 -7.62 -39.16 50.21
CA GLU B 302 -8.93 -39.79 50.25
C GLU B 302 -9.20 -40.59 48.99
N ILE B 303 -8.56 -40.20 47.89
CA ILE B 303 -8.76 -40.90 46.64
C ILE B 303 -7.97 -42.19 46.67
N GLN B 304 -6.73 -42.11 47.13
CA GLN B 304 -5.91 -43.28 47.24
C GLN B 304 -6.65 -44.26 48.14
N GLU B 305 -7.14 -43.74 49.24
CA GLU B 305 -7.85 -44.54 50.20
C GLU B 305 -9.11 -45.18 49.67
N HIS B 306 -9.96 -44.45 48.98
CA HIS B 306 -11.21 -45.03 48.49
C HIS B 306 -11.20 -45.65 47.11
N TYR B 307 -10.27 -45.23 46.25
CA TYR B 307 -10.23 -45.74 44.89
C TYR B 307 -8.79 -45.91 44.47
N PRO B 308 -8.06 -46.76 45.17
CA PRO B 308 -6.67 -47.02 44.86
C PRO B 308 -6.35 -47.57 43.45
N GLU B 309 -7.23 -48.41 42.94
CA GLU B 309 -6.99 -48.98 41.61
C GLU B 309 -7.18 -47.95 40.55
N GLU B 310 -8.24 -47.17 40.71
CA GLU B 310 -8.55 -46.11 39.78
C GLU B 310 -7.33 -45.19 39.79
N PHE B 311 -6.98 -44.69 40.98
CA PHE B 311 -5.84 -43.80 41.17
C PHE B 311 -4.57 -44.25 40.40
N ALA B 312 -4.17 -45.51 40.51
CA ALA B 312 -2.99 -45.99 39.82
C ALA B 312 -3.18 -46.08 38.32
N LEU B 313 -4.36 -46.54 37.89
CA LEU B 313 -4.65 -46.66 36.46
C LEU B 313 -4.65 -45.29 35.80
N ARG B 314 -5.19 -44.30 36.52
CA ARG B 314 -5.22 -42.95 36.01
C ARG B 314 -3.77 -42.49 35.86
N ASP B 315 -2.90 -42.85 36.80
CA ASP B 315 -1.50 -42.43 36.71
C ASP B 315 -0.83 -43.14 35.54
N GLN B 316 -1.40 -44.26 35.12
CA GLN B 316 -0.86 -45.00 33.98
C GLN B 316 -1.23 -44.36 32.66
N ASP B 317 -2.38 -43.69 32.62
CA ASP B 317 -2.85 -42.98 31.43
C ASP B 317 -3.76 -41.83 31.85
N LYS B 318 -3.12 -40.76 32.32
CA LYS B 318 -3.82 -39.58 32.80
C LYS B 318 -4.60 -38.90 31.68
N TYR B 319 -4.18 -39.13 30.45
CA TYR B 319 -4.86 -38.50 29.37
C TYR B 319 -6.23 -39.10 29.06
N ARG B 320 -6.27 -40.43 28.95
CA ARG B 320 -7.49 -41.14 28.59
C ARG B 320 -8.33 -41.66 29.74
N TYR B 321 -7.69 -42.07 30.82
CA TYR B 321 -8.43 -42.60 31.96
C TYR B 321 -9.43 -41.67 32.64
N ARG B 322 -10.58 -42.22 33.01
CA ARG B 322 -11.66 -41.52 33.70
C ARG B 322 -11.92 -42.03 35.12
N TYR B 323 -12.16 -41.14 36.07
CA TYR B 323 -12.51 -41.57 37.41
C TYR B 323 -13.98 -41.95 37.24
N PRO B 324 -14.47 -42.91 38.03
CA PRO B 324 -15.87 -43.29 37.90
C PRO B 324 -16.76 -42.03 37.89
N LYS B 325 -17.58 -41.93 36.85
CA LYS B 325 -18.50 -40.81 36.68
C LYS B 325 -17.82 -39.46 36.38
N GLY B 326 -16.55 -39.53 35.98
CA GLY B 326 -15.80 -38.32 35.68
C GLY B 326 -15.28 -38.29 34.25
N GLU B 327 -14.68 -37.16 33.85
CA GLU B 327 -14.13 -36.99 32.50
C GLU B 327 -12.65 -37.31 32.46
N SER B 328 -12.15 -37.52 31.24
CA SER B 328 -10.75 -37.78 31.06
C SER B 328 -10.22 -36.48 30.45
N TYR B 329 -8.90 -36.34 30.31
CA TYR B 329 -8.34 -35.14 29.70
C TYR B 329 -8.76 -35.12 28.24
N GLU B 330 -8.83 -36.31 27.65
CA GLU B 330 -9.25 -36.49 26.27
C GLU B 330 -10.63 -35.85 26.18
N ASP B 331 -11.50 -36.24 27.11
CA ASP B 331 -12.86 -35.72 27.16
C ASP B 331 -12.85 -34.17 27.17
N LEU B 332 -12.11 -33.60 28.12
CA LEU B 332 -12.01 -32.16 28.27
C LEU B 332 -11.66 -31.49 26.95
N VAL B 333 -10.60 -32.00 26.34
CA VAL B 333 -10.13 -31.48 25.08
C VAL B 333 -11.30 -31.38 24.11
N GLN B 334 -12.03 -32.47 23.95
CA GLN B 334 -13.18 -32.44 23.03
C GLN B 334 -14.15 -31.32 23.42
N ARG B 335 -14.53 -31.29 24.70
CA ARG B 335 -15.46 -30.28 25.17
C ARG B 335 -14.95 -28.83 25.00
N LEU B 336 -13.62 -28.67 24.89
CA LEU B 336 -13.02 -27.33 24.72
C LEU B 336 -12.93 -26.82 23.26
N GLU B 337 -13.24 -27.69 22.30
CA GLU B 337 -13.17 -27.28 20.91
C GLU B 337 -13.84 -25.96 20.63
N PRO B 338 -15.10 -25.83 21.00
CA PRO B 338 -15.78 -24.56 20.74
C PRO B 338 -15.01 -23.35 21.26
N VAL B 339 -14.37 -23.49 22.42
CA VAL B 339 -13.62 -22.39 23.00
C VAL B 339 -12.37 -22.11 22.19
N ILE B 340 -11.63 -23.15 21.83
CA ILE B 340 -10.44 -22.95 21.04
C ILE B 340 -10.79 -22.12 19.80
N MET B 341 -11.89 -22.46 19.15
CA MET B 341 -12.32 -21.79 17.95
C MET B 341 -12.66 -20.34 18.22
N GLU B 342 -13.31 -20.08 19.35
CA GLU B 342 -13.67 -18.71 19.68
C GLU B 342 -12.39 -17.93 19.98
N LEU B 343 -11.37 -18.60 20.51
CA LEU B 343 -10.11 -17.93 20.81
C LEU B 343 -9.42 -17.54 19.49
N GLU B 344 -9.61 -18.37 18.45
CA GLU B 344 -9.02 -18.10 17.15
C GLU B 344 -9.61 -16.85 16.52
N ARG B 345 -10.91 -16.68 16.70
CA ARG B 345 -11.62 -15.52 16.16
C ARG B 345 -11.37 -14.22 16.90
N GLN B 346 -10.98 -14.30 18.15
CA GLN B 346 -10.74 -13.14 18.96
C GLN B 346 -9.38 -12.57 18.69
N GLU B 347 -9.16 -11.34 19.11
CA GLU B 347 -7.83 -10.70 18.97
C GLU B 347 -7.22 -10.82 20.37
N ASN B 348 -7.25 -9.75 21.17
CA ASN B 348 -6.71 -9.78 22.55
C ASN B 348 -7.77 -10.36 23.47
N VAL B 349 -7.42 -11.43 24.18
CA VAL B 349 -8.35 -12.11 25.07
C VAL B 349 -7.65 -12.65 26.32
N LEU B 350 -8.34 -12.54 27.46
CA LEU B 350 -7.83 -13.05 28.73
C LEU B 350 -8.80 -14.15 29.12
N VAL B 351 -8.26 -15.32 29.49
CA VAL B 351 -9.06 -16.47 29.88
C VAL B 351 -8.76 -16.89 31.32
N ILE B 352 -9.72 -16.65 32.20
CA ILE B 352 -9.55 -17.03 33.59
C ILE B 352 -10.24 -18.39 33.71
N CYS B 353 -9.45 -19.44 33.91
CA CYS B 353 -10.03 -20.78 34.00
C CYS B 353 -9.56 -21.67 35.16
N HIS B 354 -9.15 -22.88 34.83
CA HIS B 354 -8.76 -23.86 35.83
C HIS B 354 -7.52 -24.63 35.44
N GLN B 355 -6.97 -25.37 36.39
CA GLN B 355 -5.77 -26.14 36.14
C GLN B 355 -5.81 -27.09 34.96
N ALA B 356 -6.80 -27.97 34.91
CA ALA B 356 -6.85 -28.92 33.79
C ALA B 356 -7.23 -28.24 32.48
N VAL B 357 -8.21 -27.34 32.53
CA VAL B 357 -8.65 -26.61 31.34
C VAL B 357 -7.44 -25.90 30.76
N MET B 358 -6.74 -25.18 31.63
CA MET B 358 -5.57 -24.43 31.21
C MET B 358 -4.49 -25.28 30.56
N ARG B 359 -4.32 -26.50 31.02
CA ARG B 359 -3.30 -27.38 30.45
C ARG B 359 -3.64 -27.69 29.00
N CYS B 360 -4.93 -27.95 28.77
CA CYS B 360 -5.43 -28.28 27.46
C CYS B 360 -5.15 -27.08 26.55
N LEU B 361 -5.56 -25.89 26.96
CA LEU B 361 -5.35 -24.69 26.15
C LEU B 361 -3.87 -24.43 25.80
N LEU B 362 -2.98 -24.62 26.76
CA LEU B 362 -1.56 -24.39 26.53
C LEU B 362 -1.02 -25.41 25.53
N ALA B 363 -1.42 -26.66 25.73
CA ALA B 363 -1.02 -27.77 24.88
C ALA B 363 -1.46 -27.46 23.45
N TYR B 364 -2.64 -26.87 23.32
CA TYR B 364 -3.14 -26.50 22.01
C TYR B 364 -2.25 -25.42 21.40
N PHE B 365 -2.10 -24.28 22.07
CA PHE B 365 -1.28 -23.20 21.55
C PHE B 365 0.24 -23.49 21.49
N LEU B 366 0.74 -24.39 22.34
CA LEU B 366 2.18 -24.66 22.35
C LEU B 366 2.52 -26.00 21.77
N ASP B 367 1.53 -26.61 21.13
CA ASP B 367 1.73 -27.87 20.46
C ASP B 367 2.38 -28.97 21.30
N LYS B 368 1.90 -29.18 22.52
CA LYS B 368 2.45 -30.22 23.37
C LYS B 368 1.74 -31.50 23.02
N SER B 369 2.31 -32.65 23.34
CA SER B 369 1.68 -33.92 23.05
C SER B 369 0.64 -34.26 24.11
N SER B 370 -0.36 -35.05 23.75
CA SER B 370 -1.41 -35.44 24.70
C SER B 370 -0.81 -36.16 25.90
N GLU B 371 0.37 -36.75 25.69
CA GLU B 371 1.08 -37.43 26.76
C GLU B 371 1.52 -36.34 27.72
N GLU B 372 2.06 -35.28 27.15
CA GLU B 372 2.56 -34.14 27.91
C GLU B 372 1.48 -33.31 28.59
N LEU B 373 0.39 -33.10 27.86
CA LEU B 373 -0.72 -32.26 28.31
C LEU B 373 -1.23 -32.34 29.74
N PRO B 374 -1.58 -33.56 30.21
CA PRO B 374 -2.08 -33.61 31.58
C PRO B 374 -1.04 -33.28 32.62
N TYR B 375 0.19 -33.02 32.19
CA TYR B 375 1.22 -32.73 33.15
C TYR B 375 1.83 -31.35 33.08
N LEU B 376 1.23 -30.44 32.31
CA LEU B 376 1.79 -29.10 32.23
C LEU B 376 1.63 -28.36 33.56
N LYS B 377 2.60 -27.48 33.83
CA LYS B 377 2.63 -26.70 35.06
C LYS B 377 1.86 -25.42 34.93
N CYS B 378 0.69 -25.37 35.57
CA CYS B 378 -0.16 -24.18 35.56
C CYS B 378 -0.32 -23.69 36.99
N PRO B 379 0.71 -22.99 37.51
CA PRO B 379 0.67 -22.48 38.89
C PRO B 379 -0.38 -21.41 39.10
N LEU B 380 -0.87 -21.29 40.34
CA LEU B 380 -1.87 -20.28 40.68
C LEU B 380 -1.18 -18.95 40.70
N HIS B 381 -1.97 -17.87 40.57
CA HIS B 381 -1.45 -16.50 40.62
C HIS B 381 -0.29 -16.20 39.67
N THR B 382 -0.30 -16.88 38.53
CA THR B 382 0.71 -16.71 37.48
C THR B 382 0.01 -16.52 36.14
N VAL B 383 0.42 -15.51 35.39
CA VAL B 383 -0.19 -15.28 34.11
C VAL B 383 0.72 -15.76 33.00
N LEU B 384 0.14 -16.48 32.04
CA LEU B 384 0.90 -16.95 30.89
C LEU B 384 0.46 -16.12 29.70
N LYS B 385 1.41 -15.34 29.17
CA LYS B 385 1.17 -14.49 28.03
C LYS B 385 1.65 -15.21 26.79
N LEU B 386 0.68 -15.49 25.93
CA LEU B 386 0.90 -16.18 24.67
C LEU B 386 0.88 -15.19 23.51
N THR B 387 1.96 -15.18 22.74
CA THR B 387 2.04 -14.29 21.61
C THR B 387 2.22 -15.12 20.35
N PRO B 388 1.17 -15.24 19.54
CA PRO B 388 1.29 -16.03 18.33
C PRO B 388 2.27 -15.36 17.39
N VAL B 389 3.04 -16.18 16.70
CA VAL B 389 4.00 -15.68 15.75
C VAL B 389 3.90 -16.61 14.56
N ALA B 390 4.36 -16.18 13.38
CA ALA B 390 4.32 -17.03 12.18
C ALA B 390 4.87 -18.39 12.60
N TYR B 391 4.13 -19.46 12.26
CA TYR B 391 4.45 -20.85 12.67
C TYR B 391 5.00 -20.84 14.07
N GLY B 392 4.13 -20.88 15.07
CA GLY B 392 4.63 -20.90 16.43
C GLY B 392 3.86 -20.01 17.36
N CYS B 393 4.42 -19.83 18.56
CA CYS B 393 3.81 -19.02 19.59
C CYS B 393 4.73 -18.93 20.81
N LYS B 394 5.22 -17.73 21.11
CA LYS B 394 6.09 -17.55 22.25
C LYS B 394 5.21 -17.47 23.47
N VAL B 395 5.80 -17.69 24.64
CA VAL B 395 5.02 -17.66 25.86
C VAL B 395 5.87 -17.09 26.98
N GLU B 396 5.25 -16.24 27.81
CA GLU B 396 5.92 -15.63 28.97
C GLU B 396 5.18 -16.00 30.24
N SER B 397 5.91 -16.41 31.28
CA SER B 397 5.27 -16.76 32.52
C SER B 397 5.48 -15.58 33.45
N ILE B 398 4.39 -15.06 33.98
CA ILE B 398 4.49 -13.90 34.85
C ILE B 398 3.84 -14.15 36.19
N TYR B 399 4.66 -14.26 37.23
CA TYR B 399 4.15 -14.47 38.57
C TYR B 399 3.70 -13.12 39.11
N LEU B 400 2.53 -13.08 39.72
CA LEU B 400 2.00 -11.81 40.21
C LEU B 400 2.26 -11.47 41.70
N ASN B 401 3.22 -12.13 42.33
CA ASN B 401 3.59 -11.85 43.71
C ASN B 401 2.50 -11.93 44.80
N VAL B 402 1.76 -13.03 44.83
CA VAL B 402 0.74 -13.27 45.85
C VAL B 402 0.91 -14.75 46.04
N GLU B 403 1.27 -15.17 47.25
CA GLU B 403 1.45 -16.58 47.47
C GLU B 403 0.14 -17.33 47.32
N ALA B 404 0.26 -18.61 47.04
CA ALA B 404 -0.89 -19.48 46.92
C ALA B 404 -0.30 -20.85 47.16
N VAL B 405 -1.15 -21.87 47.33
CA VAL B 405 -0.66 -23.23 47.57
C VAL B 405 -0.20 -23.84 46.24
N ASN B 406 0.47 -24.98 46.30
CA ASN B 406 0.94 -25.66 45.10
C ASN B 406 -0.01 -26.82 44.81
N THR B 407 -0.53 -26.91 43.60
CA THR B 407 -1.46 -27.98 43.25
C THR B 407 -0.90 -28.93 42.20
N HIS B 408 0.34 -28.71 41.80
CA HIS B 408 0.91 -29.59 40.78
C HIS B 408 1.29 -30.95 41.35
N ARG B 409 0.69 -32.01 40.83
CA ARG B 409 1.04 -33.36 41.30
C ARG B 409 1.70 -34.15 40.19
N GLU B 410 3.01 -34.32 40.29
CA GLU B 410 3.73 -35.08 39.27
C GLU B 410 3.45 -36.56 39.30
N LYS B 411 3.72 -37.19 38.18
CA LYS B 411 3.53 -38.63 38.04
C LYS B 411 4.46 -39.38 39.01
N PRO B 412 3.87 -40.25 39.84
CA PRO B 412 4.66 -41.03 40.80
C PRO B 412 5.59 -41.96 40.04
N GLU B 413 6.70 -42.37 40.64
CA GLU B 413 7.59 -43.29 39.94
C GLU B 413 6.92 -44.67 39.89
N ASN B 414 6.04 -44.93 40.86
CA ASN B 414 5.33 -46.20 40.88
C ASN B 414 3.84 -45.97 40.61
N VAL B 415 3.36 -46.54 39.51
CA VAL B 415 1.96 -46.41 39.11
C VAL B 415 1.24 -47.74 39.05
N ASP B 416 1.85 -48.77 39.62
CA ASP B 416 1.27 -50.09 39.62
C ASP B 416 0.00 -50.15 40.47
N ILE B 417 -0.92 -51.05 40.11
CA ILE B 417 -2.17 -51.20 40.88
C ILE B 417 -1.86 -51.62 42.31
N THR B 418 -0.78 -52.40 42.46
CA THR B 418 -0.31 -52.93 43.75
C THR B 418 0.69 -52.04 44.51
N ARG B 419 0.98 -50.86 43.97
CA ARG B 419 1.90 -49.94 44.63
C ARG B 419 1.24 -49.55 45.94
N GLU B 420 2.03 -49.09 46.88
CA GLU B 420 1.49 -48.72 48.17
C GLU B 420 1.12 -47.27 48.31
N PRO B 421 0.21 -46.97 49.26
CA PRO B 421 -0.23 -45.61 49.51
C PRO B 421 0.89 -44.58 49.46
N GLU B 422 1.92 -44.74 50.28
CA GLU B 422 3.04 -43.78 50.30
C GLU B 422 3.64 -43.61 48.93
N GLU B 423 3.75 -44.72 48.20
CA GLU B 423 4.28 -44.70 46.84
C GLU B 423 3.35 -43.95 45.88
N ALA B 424 2.06 -43.93 46.19
CA ALA B 424 1.06 -43.29 45.35
C ALA B 424 0.84 -41.83 45.74
N LEU B 425 1.18 -41.48 46.96
CA LEU B 425 0.98 -40.11 47.40
C LEU B 425 2.28 -39.31 47.59
N ASP B 426 3.42 -39.91 47.26
CA ASP B 426 4.69 -39.23 47.45
C ASP B 426 4.96 -38.02 46.57
N THR B 427 4.07 -37.69 45.64
CA THR B 427 4.28 -36.51 44.79
C THR B 427 3.18 -35.51 45.06
N VAL B 428 2.42 -35.73 46.12
CA VAL B 428 1.36 -34.83 46.45
C VAL B 428 2.01 -33.60 47.13
N PRO B 429 1.63 -32.39 46.69
CA PRO B 429 2.20 -31.17 47.28
C PRO B 429 1.55 -30.81 48.61
N ALA B 430 2.25 -30.00 49.38
CA ALA B 430 1.74 -29.55 50.67
C ALA B 430 0.46 -28.73 50.48
N HIS B 431 -0.54 -29.03 51.28
CA HIS B 431 -1.81 -28.32 51.27
C HIS B 431 -2.07 -28.08 52.73
N TYR B 432 -2.90 -27.10 53.06
CA TYR B 432 -3.15 -26.88 54.48
C TYR B 432 -4.05 -27.97 54.99
P PO4 C . 10.19 39.95 -33.89
O1 PO4 C . 9.24 40.13 -32.75
O2 PO4 C . 11.57 39.71 -33.34
O3 PO4 C . 9.78 38.81 -34.80
O4 PO4 C . 10.13 41.16 -34.74
P PO4 D . 5.28 33.95 -38.21
O1 PO4 D . 5.68 32.62 -37.58
O2 PO4 D . 3.95 34.35 -37.66
O3 PO4 D . 5.17 33.80 -39.65
O4 PO4 D . 6.42 35.06 -37.94
PG AGS E . -7.09 18.20 -3.98
S1G AGS E . -8.22 19.18 -4.91
O2G AGS E . -7.67 17.90 -2.59
O3G AGS E . -6.63 17.00 -4.78
PB AGS E . -4.98 19.32 -2.24
O1B AGS E . -6.11 19.57 -1.31
O2B AGS E . -3.84 18.50 -1.87
O3B AGS E . -5.69 19.02 -3.70
PA AGS E . -4.62 21.72 -3.36
O1A AGS E . -3.83 21.31 -4.58
O2A AGS E . -6.10 21.89 -3.51
O3A AGS E . -4.28 20.66 -2.22
O5' AGS E . -4.04 23.04 -2.69
C5' AGS E . -3.77 24.15 -3.43
C4' AGS E . -2.90 25.00 -2.54
O4' AGS E . -1.72 24.39 -2.20
C3' AGS E . -2.49 26.38 -3.13
O3' AGS E . -2.59 27.32 -2.06
C2' AGS E . -0.98 26.18 -3.32
O2' AGS E . -0.18 27.33 -3.02
C1' AGS E . -0.70 25.28 -2.16
N9 AGS E . 0.56 24.56 -2.26
C8 AGS E . 1.34 24.20 -3.36
N7 AGS E . 2.46 23.48 -3.14
C5 AGS E . 2.43 23.31 -1.77
C6 AGS E . 3.23 22.55 -0.84
N6 AGS E . 4.37 21.69 -1.24
N1 AGS E . 2.79 22.51 0.47
C2 AGS E . 1.71 23.21 0.88
N3 AGS E . 0.89 23.95 0.10
C4 AGS E . 1.30 24.01 -1.21
H5'1 AGS E . -4.71 24.62 -3.71
H5'2 AGS E . -3.22 23.84 -4.31
H3' AGS E . -3.09 26.68 -3.99
HO3' AGS E . -3.50 27.28 -1.70
H2' AGS E . -0.78 25.70 -4.29
HO2' AGS E . 0.72 27.09 -3.29
P PO4 F . -8.64 -25.58 39.85
O1 PO4 F . -7.62 -24.72 39.14
O2 PO4 F . -10.10 -25.17 39.46
O3 PO4 F . -8.40 -27.01 39.49
O4 PO4 F . -8.50 -25.42 41.32
P PO4 G . -5.05 -33.37 38.38
O1 PO4 G . -5.79 -33.84 37.07
O2 PO4 G . -3.66 -32.84 38.11
O3 PO4 G . -4.92 -34.54 39.29
O4 PO4 G . -5.89 -32.29 39.03
PG AGS H . 6.61 -22.16 2.23
S1G AGS H . 7.88 -22.14 3.57
O2G AGS H . 7.08 -21.43 0.95
O3G AGS H . 5.96 -23.50 1.98
PB AGS H . 4.89 -19.80 1.88
O1B AGS H . 6.11 -19.13 1.35
O2B AGS H . 3.70 -19.99 1.00
O3B AGS H . 5.38 -21.19 2.68
PA AGS H . 4.66 -18.76 4.43
O1A AGS H . 3.72 -19.77 5.05
O2A AGS H . 6.18 -18.89 4.51
O3A AGS H . 4.33 -18.78 2.83
O5' AGS H . 4.30 -17.38 4.84
C5' AGS H . 4.17 -17.10 6.15
C4' AGS H . 3.47 -15.76 6.21
O4' AGS H . 2.15 -15.84 5.73
C3' AGS H . 3.18 -15.15 7.61
O3' AGS H . 3.50 -13.71 7.45
C2' AGS H . 1.66 -15.28 7.75
O2' AGS H . 1.08 -14.18 8.47
C1' AGS H . 1.22 -15.05 6.33
N9 AGS H . -0.12 -15.50 5.91
C8 AGS H . -0.91 -16.47 6.42
N7 AGS H . -2.05 -16.75 5.82
C5 AGS H . -2.02 -15.83 4.79
C6 AGS H . -2.87 -15.60 3.61
N6 AGS H . -4.14 -16.35 3.40
N1 AGS H . -2.48 -14.70 2.66
C2 AGS H . -1.32 -14.00 2.85
N3 AGS H . -0.44 -14.11 3.90
C4 AGS H . -0.84 -15.05 4.86
H5'1 AGS H . 5.13 -17.08 6.62
H5'2 AGS H . 3.53 -17.85 6.59
H3' AGS H . 3.81 -15.60 8.37
HO3' AGS H . 4.41 -13.68 7.15
H2' AGS H . 1.39 -16.27 8.10
HO2' AGS H . 0.13 -14.34 8.46
#